data_7NF0
#
_entry.id   7NF0
#
_cell.length_a   74.593
_cell.length_b   74.593
_cell.length_c   345.772
_cell.angle_alpha   90.00
_cell.angle_beta   90.00
_cell.angle_gamma   120.00
#
_symmetry.space_group_name_H-M   'P 32 2 1'
#
loop_
_entity.id
_entity.type
_entity.pdbx_description
1 polymer 'Ferulic acid decarboxylase 1'
2 non-polymer 'NITRATE ION'
3 non-polymer 'hydroxylated prenyl-FMN'
4 non-polymer 'POTASSIUM ION'
5 non-polymer 'MANGANESE (II) ION'
6 non-polymer 'ACETATE ION'
7 water water
#
_entity_poly.entity_id   1
_entity_poly.type   'polypeptide(L)'
_entity_poly.pdbx_seq_one_letter_code
;MHHHHHHMSSTTYKSEAFDPEPPHLSFRSFVNALRQDGDLVDINEPVDPDLEAAAITRLVCETDDKAPLFNNVIGAKDGL
WRILGAPASLRSSPKERFGRLARHLALPPTASAKDILDKMLSANSIPPIEPVIVPTGPVKENSIEGENIDLEALPAPMVH
QSDGGKYIQTYGMHVIQSPDGCWTNWSIARAMVSGKRTLAGLVISPQHIRKIQDQWRAIGQEEIPWALAFGVPPTAIMAS
SMPIPDGVSEAGYVGAIAGEPIKLVKCDTNNLYVPANSEIVLEGTLSTTKMAPEGPFGEMHGYVYPGESHPAPVYTVNKI
TYRNNAILPMSACGRLTDETQTMIGTLAAAEIRQLCQRAGLPITDAFAPFVGQATWVALKVDTHRLRAMKTNGKAFAKRV
GDVVFTQKVGYMIHRLILVGDDIDVYDDKDVMWAFATRCRPGTDEVFFDDVPGFWLIPYMSHGNAEAIKGGKVVSDALLT
AEYTTGKDWESADFKNSYPKSIQDKVLNSWERLGFKKLD
;
_entity_poly.pdbx_strand_id   A,B
#
# COMPACT_ATOMS: atom_id res chain seq x y z
N GLU A 21 27.58 16.06 25.67
CA GLU A 21 27.62 15.62 24.24
C GLU A 21 26.21 15.74 23.63
N PRO A 22 26.09 16.21 22.39
CA PRO A 22 24.77 16.36 21.79
C PRO A 22 24.12 15.01 21.54
N PRO A 23 22.78 15.00 21.37
CA PRO A 23 22.03 13.78 21.17
C PRO A 23 22.54 12.85 20.08
N HIS A 24 23.06 13.31 18.96
CA HIS A 24 23.54 12.42 17.89
C HIS A 24 24.84 11.77 18.30
N LEU A 25 25.48 12.23 19.35
CA LEU A 25 26.83 11.75 19.74
C LEU A 25 26.77 11.01 21.07
N SER A 26 25.67 10.90 21.76
CA SER A 26 25.55 10.22 23.05
C SER A 26 24.17 9.60 23.15
N PHE A 27 24.10 8.30 23.36
CA PHE A 27 22.82 7.63 23.54
C PHE A 27 22.05 8.23 24.73
N ARG A 28 22.75 8.48 25.81
CA ARG A 28 22.08 9.03 27.02
C ARG A 28 21.48 10.40 26.68
N SER A 29 22.19 11.21 25.92
N SER A 29 22.24 11.26 25.98
CA SER A 29 21.70 12.54 25.54
CA SER A 29 21.73 12.58 25.53
C SER A 29 20.55 12.43 24.52
C SER A 29 20.49 12.33 24.65
N PHE A 30 20.54 11.36 23.73
CA PHE A 30 19.46 11.05 22.79
C PHE A 30 18.18 10.69 23.56
N VAL A 31 18.30 9.86 24.56
CA VAL A 31 17.13 9.46 25.40
C VAL A 31 16.52 10.74 25.98
N ASN A 32 17.35 11.62 26.50
CA ASN A 32 16.82 12.86 27.10
C ASN A 32 16.23 13.74 26.02
N ALA A 33 16.76 13.75 24.83
CA ALA A 33 16.14 14.49 23.73
C ALA A 33 14.74 13.97 23.44
N LEU A 34 14.55 12.65 23.39
CA LEU A 34 13.19 12.11 23.16
C LEU A 34 12.27 12.52 24.31
N ARG A 35 12.76 12.55 25.52
CA ARG A 35 11.93 12.96 26.68
C ARG A 35 11.55 14.44 26.45
N GLN A 36 12.51 15.27 26.11
CA GLN A 36 12.26 16.72 25.89
C GLN A 36 11.23 16.86 24.79
N ASP A 37 11.20 16.01 23.75
CA ASP A 37 10.28 16.08 22.63
C ASP A 37 8.88 15.56 22.97
N GLY A 38 8.68 15.01 24.14
CA GLY A 38 7.41 14.30 24.46
C GLY A 38 7.26 13.05 23.61
N ASP A 39 8.39 12.38 23.32
CA ASP A 39 8.41 11.15 22.47
C ASP A 39 8.89 9.98 23.28
N LEU A 40 8.78 9.99 24.59
CA LEU A 40 9.28 8.94 25.47
C LEU A 40 8.38 8.74 26.65
N VAL A 41 8.06 7.51 26.98
CA VAL A 41 7.30 7.19 28.21
C VAL A 41 8.28 6.58 29.19
N ASP A 42 8.44 7.14 30.37
CA ASP A 42 9.25 6.55 31.45
C ASP A 42 8.35 5.54 32.17
N ILE A 43 8.59 4.25 32.01
CA ILE A 43 7.80 3.22 32.71
C ILE A 43 8.57 2.88 33.96
N ASN A 44 8.04 3.28 35.15
CA ASN A 44 8.73 3.09 36.45
C ASN A 44 8.18 1.89 37.21
N GLU A 45 7.08 1.34 36.75
CA GLU A 45 6.45 0.10 37.27
C GLU A 45 7.36 -1.06 36.86
N PRO A 46 7.43 -2.18 37.62
CA PRO A 46 8.17 -3.35 37.19
C PRO A 46 7.59 -3.95 35.90
N VAL A 47 8.50 -4.22 34.92
CA VAL A 47 8.15 -4.85 33.65
C VAL A 47 9.05 -6.06 33.43
N ASP A 48 8.46 -7.17 33.07
CA ASP A 48 9.22 -8.42 32.87
C ASP A 48 9.91 -8.39 31.51
N PRO A 49 11.22 -8.66 31.50
CA PRO A 49 11.95 -8.74 30.22
C PRO A 49 11.53 -10.02 29.49
N ASP A 50 10.90 -10.99 30.14
CA ASP A 50 10.33 -12.17 29.46
C ASP A 50 8.98 -11.77 28.85
N LEU A 51 9.01 -11.33 27.61
CA LEU A 51 7.84 -11.01 26.74
C LEU A 51 7.18 -9.66 27.03
N GLU A 52 7.04 -9.23 28.30
CA GLU A 52 6.19 -8.03 28.56
C GLU A 52 6.80 -6.76 27.94
N ALA A 53 8.09 -6.56 28.14
CA ALA A 53 8.76 -5.35 27.57
C ALA A 53 8.62 -5.34 26.06
N ALA A 54 8.86 -6.48 25.41
CA ALA A 54 8.75 -6.55 23.95
C ALA A 54 7.29 -6.43 23.49
N ALA A 55 6.31 -6.94 24.25
CA ALA A 55 4.92 -6.77 23.83
C ALA A 55 4.50 -5.29 23.84
N ILE A 56 4.95 -4.58 24.86
CA ILE A 56 4.69 -3.11 24.95
C ILE A 56 5.36 -2.46 23.71
N THR A 57 6.63 -2.80 23.49
CA THR A 57 7.38 -2.19 22.36
C THR A 57 6.70 -2.54 21.05
N ARG A 58 6.30 -3.80 20.83
CA ARG A 58 5.62 -4.21 19.61
C ARG A 58 4.39 -3.36 19.36
N LEU A 59 3.59 -3.14 20.41
CA LEU A 59 2.33 -2.36 20.21
C LEU A 59 2.65 -0.89 19.98
N VAL A 60 3.71 -0.37 20.56
CA VAL A 60 4.20 1.00 20.23
C VAL A 60 4.52 1.05 18.74
N CYS A 61 5.25 0.05 18.24
CA CYS A 61 5.66 0.07 16.82
C CYS A 61 4.45 -0.04 15.89
N GLU A 62 3.46 -0.84 16.28
CA GLU A 62 2.27 -1.05 15.42
C GLU A 62 1.34 0.17 15.46
N THR A 63 1.52 1.07 16.40
CA THR A 63 0.63 2.27 16.58
C THR A 63 1.41 3.58 16.49
N ASP A 64 2.70 3.55 16.16
CA ASP A 64 3.57 4.74 16.06
C ASP A 64 3.45 5.55 17.34
N ASP A 65 3.54 4.93 18.49
CA ASP A 65 3.48 5.65 19.78
C ASP A 65 4.87 6.09 20.25
N LYS A 66 4.92 6.72 21.41
CA LYS A 66 6.15 7.18 22.05
C LYS A 66 7.02 5.99 22.42
N ALA A 67 8.33 6.20 22.35
CA ALA A 67 9.29 5.13 22.69
C ALA A 67 9.14 4.78 24.18
N PRO A 68 9.12 3.49 24.55
CA PRO A 68 9.03 3.11 25.94
C PRO A 68 10.39 2.92 26.59
N LEU A 69 10.67 3.57 27.70
CA LEU A 69 11.89 3.40 28.48
C LEU A 69 11.52 2.67 29.73
N PHE A 70 11.94 1.43 29.84
CA PHE A 70 11.68 0.53 30.98
C PHE A 70 12.75 0.80 32.02
N ASN A 71 12.42 1.62 33.03
CA ASN A 71 13.36 2.00 34.10
C ASN A 71 13.43 0.97 35.22
N ASN A 72 12.53 -0.02 35.22
CA ASN A 72 12.41 -1.02 36.31
C ASN A 72 12.17 -2.37 35.66
N VAL A 73 13.24 -2.95 35.15
CA VAL A 73 13.17 -4.27 34.49
C VAL A 73 13.32 -5.33 35.60
N ILE A 74 12.38 -6.27 35.63
CA ILE A 74 12.43 -7.36 36.64
C ILE A 74 13.72 -8.16 36.41
N GLY A 75 14.47 -8.41 37.47
CA GLY A 75 15.74 -9.16 37.38
C GLY A 75 16.93 -8.26 37.18
N ALA A 76 16.79 -6.95 36.98
CA ALA A 76 17.97 -6.06 36.89
C ALA A 76 18.73 -6.08 38.20
N LYS A 77 20.05 -6.00 38.10
CA LYS A 77 20.93 -5.98 39.31
C LYS A 77 22.16 -5.14 39.00
N ASP A 78 22.59 -4.32 39.95
CA ASP A 78 23.89 -3.61 39.92
C ASP A 78 23.99 -2.71 38.68
N GLY A 79 22.86 -2.20 38.20
CA GLY A 79 22.83 -1.28 37.05
C GLY A 79 22.62 -2.00 35.73
N LEU A 80 22.55 -3.32 35.66
CA LEU A 80 22.25 -4.00 34.37
C LEU A 80 20.86 -4.58 34.43
N TRP A 81 19.87 -4.08 33.66
CA TRP A 81 19.90 -2.85 32.87
C TRP A 81 18.46 -2.35 32.79
N ARG A 82 18.31 -1.10 32.36
CA ARG A 82 17.06 -0.57 31.83
C ARG A 82 16.92 -0.97 30.36
N ILE A 83 15.76 -0.85 29.77
CA ILE A 83 15.60 -1.16 28.31
C ILE A 83 14.90 -0.02 27.60
N LEU A 84 15.41 0.44 26.45
CA LEU A 84 14.68 1.39 25.57
C LEU A 84 14.15 0.60 24.39
N GLY A 85 12.84 0.49 24.26
CA GLY A 85 12.23 -0.08 23.05
C GLY A 85 12.04 0.94 21.95
N ALA A 86 11.90 0.45 20.72
CA ALA A 86 11.48 1.25 19.56
C ALA A 86 12.37 2.48 19.39
N PRO A 87 13.71 2.34 19.43
CA PRO A 87 14.58 3.50 19.40
C PRO A 87 14.57 4.29 18.10
N ALA A 88 14.13 3.70 16.98
CA ALA A 88 14.09 4.41 15.68
C ALA A 88 12.81 4.09 14.92
N SER A 89 11.72 3.87 15.65
CA SER A 89 10.42 3.67 15.03
C SER A 89 9.75 5.02 14.75
N LEU A 90 8.54 4.99 14.22
CA LEU A 90 7.87 6.22 13.72
C LEU A 90 7.04 6.89 14.81
N ARG A 91 6.92 8.23 14.68
CA ARG A 91 5.97 9.02 15.50
C ARG A 91 4.65 9.12 14.77
N SER A 92 3.60 9.43 15.57
CA SER A 92 2.25 9.44 14.95
C SER A 92 1.92 10.78 14.28
N SER A 93 2.57 11.87 14.66
CA SER A 93 2.33 13.20 14.05
C SER A 93 2.83 13.14 12.62
N PRO A 94 2.03 13.41 11.58
CA PRO A 94 2.55 13.39 10.21
C PRO A 94 3.74 14.34 9.99
N LYS A 95 3.73 15.49 10.63
CA LYS A 95 4.80 16.48 10.38
C LYS A 95 6.09 16.11 11.10
N GLU A 96 6.03 15.16 12.03
CA GLU A 96 7.28 14.72 12.75
C GLU A 96 7.39 13.19 12.69
N ARG A 97 6.91 12.57 11.63
CA ARG A 97 6.84 11.07 11.56
C ARG A 97 8.22 10.48 11.76
N PHE A 98 9.26 11.08 11.18
CA PHE A 98 10.65 10.55 11.18
C PHE A 98 11.44 11.19 12.32
N GLY A 99 10.83 11.87 13.31
CA GLY A 99 11.62 12.64 14.28
C GLY A 99 12.53 11.79 15.13
N ARG A 100 12.16 10.54 15.46
CA ARG A 100 13.07 9.72 16.30
C ARG A 100 14.31 9.34 15.48
N LEU A 101 14.20 9.10 14.20
CA LEU A 101 15.37 8.95 13.31
C LEU A 101 16.13 10.27 13.22
N ALA A 102 15.45 11.41 13.04
CA ALA A 102 16.15 12.68 12.92
C ALA A 102 16.99 12.96 14.17
N ARG A 103 16.50 12.59 15.34
CA ARG A 103 17.25 12.80 16.57
C ARG A 103 18.51 11.92 16.66
N HIS A 104 18.63 10.91 15.79
CA HIS A 104 19.92 10.18 15.69
C HIS A 104 20.99 10.99 14.99
N LEU A 105 20.64 12.06 14.25
CA LEU A 105 21.47 12.63 13.16
C LEU A 105 21.58 14.14 13.20
N ALA A 106 21.20 14.78 14.30
CA ALA A 106 21.33 16.27 14.40
C ALA A 106 20.43 16.96 13.37
N LEU A 107 19.28 16.37 13.04
CA LEU A 107 18.29 16.93 12.14
C LEU A 107 17.08 17.31 12.96
N PRO A 108 16.24 18.26 12.48
CA PRO A 108 15.05 18.59 13.24
C PRO A 108 14.00 17.50 13.16
N PRO A 109 13.07 17.46 14.12
CA PRO A 109 12.08 16.39 14.18
C PRO A 109 11.14 16.37 12.97
N THR A 110 11.08 17.47 12.23
CA THR A 110 10.33 17.66 11.01
C THR A 110 11.06 17.18 9.77
N ALA A 111 12.26 16.57 9.92
CA ALA A 111 13.03 16.15 8.75
C ALA A 111 12.26 15.13 7.91
N SER A 112 12.39 15.24 6.60
CA SER A 112 11.81 14.25 5.68
C SER A 112 12.69 13.01 5.64
N ALA A 113 12.15 11.93 5.08
CA ALA A 113 12.93 10.70 4.82
C ALA A 113 14.08 11.06 3.91
N LYS A 114 13.87 11.90 2.87
CA LYS A 114 14.96 12.30 2.01
C LYS A 114 16.04 13.03 2.82
N ASP A 115 15.67 13.92 3.74
CA ASP A 115 16.70 14.64 4.52
C ASP A 115 17.59 13.66 5.28
N ILE A 116 16.96 12.65 5.86
CA ILE A 116 17.70 11.62 6.64
C ILE A 116 18.64 10.85 5.71
N LEU A 117 18.14 10.35 4.60
CA LEU A 117 19.00 9.55 3.70
C LEU A 117 20.09 10.43 3.11
N ASP A 118 19.78 11.67 2.75
CA ASP A 118 20.83 12.58 2.21
C ASP A 118 21.90 12.77 3.26
N LYS A 119 21.54 12.92 4.55
CA LYS A 119 22.54 13.14 5.59
C LYS A 119 23.40 11.89 5.74
N MET A 120 22.78 10.72 5.71
CA MET A 120 23.59 9.48 5.82
C MET A 120 24.53 9.32 4.63
N LEU A 121 24.15 9.75 3.42
CA LEU A 121 25.01 9.66 2.23
C LEU A 121 26.07 10.79 2.21
N SER A 122 25.91 11.81 3.02
CA SER A 122 26.73 13.04 2.93
C SER A 122 28.20 12.70 3.14
N ALA A 123 28.58 11.67 3.90
CA ALA A 123 29.99 11.33 4.17
C ALA A 123 30.64 10.55 3.02
N ASN A 124 29.92 10.23 1.96
N ASN A 124 29.84 10.27 1.98
CA ASN A 124 30.56 9.40 0.89
CA ASN A 124 30.29 9.54 0.77
C ASN A 124 31.27 10.37 -0.09
C ASN A 124 31.41 10.38 0.13
N SER A 125 31.18 11.69 0.07
CA SER A 125 31.84 12.63 -0.89
C SER A 125 32.80 13.55 -0.15
N ILE A 126 33.17 13.20 1.07
CA ILE A 126 34.02 14.11 1.87
C ILE A 126 34.96 13.27 2.70
N PRO A 127 36.12 13.83 3.10
CA PRO A 127 37.08 13.04 3.84
C PRO A 127 36.50 12.56 5.15
N PRO A 128 36.90 11.35 5.55
CA PRO A 128 36.52 10.87 6.87
C PRO A 128 37.04 11.82 7.95
N ILE A 129 36.38 11.87 9.10
CA ILE A 129 36.91 12.55 10.30
C ILE A 129 37.23 11.41 11.26
N GLU A 130 38.51 11.14 11.45
CA GLU A 130 38.93 9.94 12.17
C GLU A 130 38.60 10.09 13.65
N PRO A 131 38.29 8.97 14.32
CA PRO A 131 37.97 9.00 15.74
C PRO A 131 39.18 9.47 16.54
N VAL A 132 38.89 9.99 17.71
CA VAL A 132 39.96 10.36 18.67
C VAL A 132 39.89 9.41 19.85
N ILE A 133 41.01 9.20 20.51
CA ILE A 133 41.14 8.28 21.65
C ILE A 133 41.08 9.06 22.95
N VAL A 134 40.32 8.59 23.91
CA VAL A 134 40.29 9.12 25.28
C VAL A 134 40.66 7.97 26.21
N PRO A 135 41.22 8.31 27.39
CA PRO A 135 41.70 7.26 28.28
C PRO A 135 40.63 6.52 29.05
N THR A 136 39.46 7.12 29.17
CA THR A 136 38.35 6.54 29.91
C THR A 136 37.06 7.18 29.42
N GLY A 137 35.95 6.71 29.93
CA GLY A 137 34.67 7.36 29.69
C GLY A 137 33.61 6.68 30.50
N PRO A 138 32.35 7.11 30.36
CA PRO A 138 31.26 6.56 31.16
C PRO A 138 31.11 5.05 31.06
N VAL A 139 31.47 4.46 29.89
CA VAL A 139 31.32 2.99 29.70
C VAL A 139 32.25 2.21 30.64
N LYS A 140 33.22 2.86 31.29
CA LYS A 140 34.15 2.21 32.25
C LYS A 140 33.64 2.34 33.70
N GLU A 141 32.49 2.90 33.94
CA GLU A 141 32.03 3.16 35.33
C GLU A 141 31.87 1.86 36.11
N ASN A 142 31.59 0.73 35.49
CA ASN A 142 31.33 -0.54 36.15
C ASN A 142 31.85 -1.69 35.29
N SER A 143 32.20 -2.78 35.89
CA SER A 143 32.62 -3.97 35.13
C SER A 143 32.23 -5.26 35.82
N ILE A 144 32.07 -6.30 35.03
CA ILE A 144 31.98 -7.71 35.46
C ILE A 144 32.98 -8.49 34.64
N GLU A 145 33.81 -9.34 35.23
CA GLU A 145 34.85 -10.03 34.42
C GLU A 145 34.79 -11.55 34.55
N GLY A 146 35.13 -12.27 33.46
CA GLY A 146 35.47 -13.69 33.49
C GLY A 146 34.42 -14.50 34.17
N GLU A 147 34.78 -15.27 35.22
CA GLU A 147 33.90 -16.30 35.81
C GLU A 147 32.75 -15.60 36.51
N ASN A 148 32.85 -14.27 36.71
CA ASN A 148 31.73 -13.56 37.37
C ASN A 148 30.59 -13.30 36.36
N ILE A 149 30.87 -13.49 35.06
CA ILE A 149 29.81 -13.26 34.03
C ILE A 149 28.87 -14.44 34.03
N ASP A 150 27.58 -14.17 34.07
CA ASP A 150 26.55 -15.16 33.79
C ASP A 150 25.48 -14.48 32.93
N LEU A 151 25.57 -14.70 31.63
CA LEU A 151 24.63 -14.02 30.69
C LEU A 151 23.22 -14.55 30.90
N GLU A 152 23.03 -15.78 31.39
CA GLU A 152 21.68 -16.32 31.57
C GLU A 152 21.01 -15.69 32.80
N ALA A 153 21.75 -15.06 33.68
CA ALA A 153 21.25 -14.36 34.88
C ALA A 153 20.96 -12.87 34.61
N LEU A 154 21.30 -12.35 33.44
CA LEU A 154 21.01 -10.93 33.11
C LEU A 154 19.62 -10.84 32.50
N PRO A 155 18.95 -9.68 32.60
CA PRO A 155 17.58 -9.51 32.10
C PRO A 155 17.52 -9.32 30.57
N ALA A 156 18.18 -10.20 29.81
CA ALA A 156 18.05 -10.17 28.35
C ALA A 156 16.62 -10.47 27.98
N PRO A 157 16.04 -9.73 27.03
CA PRO A 157 14.62 -9.87 26.74
C PRO A 157 14.29 -11.12 25.90
N MET A 158 13.15 -11.71 26.17
CA MET A 158 12.49 -12.62 25.23
C MET A 158 11.60 -11.75 24.35
N VAL A 159 11.97 -11.61 23.09
CA VAL A 159 11.41 -10.57 22.23
C VAL A 159 10.12 -11.02 21.52
N HIS A 160 9.99 -12.33 21.25
CA HIS A 160 8.80 -12.94 20.66
C HIS A 160 8.65 -14.34 21.30
N GLN A 161 7.40 -14.77 21.49
CA GLN A 161 7.19 -16.00 22.31
C GLN A 161 7.84 -17.23 21.69
N SER A 162 7.94 -17.29 20.36
CA SER A 162 8.50 -18.50 19.69
C SER A 162 9.97 -18.29 19.32
N ASP A 163 10.65 -17.26 19.83
CA ASP A 163 12.11 -17.14 19.57
C ASP A 163 12.91 -18.30 20.20
N GLY A 164 14.06 -18.62 19.62
CA GLY A 164 14.86 -19.72 20.16
C GLY A 164 15.71 -19.36 21.34
N GLY A 165 15.73 -18.11 21.74
CA GLY A 165 16.51 -17.65 22.88
C GLY A 165 16.21 -16.19 23.19
N LYS A 166 16.90 -15.67 24.17
CA LYS A 166 16.77 -14.24 24.59
C LYS A 166 17.69 -13.39 23.74
N TYR A 167 17.07 -12.58 22.88
CA TYR A 167 17.82 -11.74 21.92
C TYR A 167 18.29 -10.47 22.65
N ILE A 168 19.37 -10.58 23.38
CA ILE A 168 20.12 -9.46 24.00
C ILE A 168 20.48 -8.43 22.92
N GLN A 169 20.82 -8.91 21.72
CA GLN A 169 21.45 -8.10 20.66
C GLN A 169 20.46 -7.93 19.53
N THR A 170 19.75 -6.79 19.55
CA THR A 170 18.88 -6.34 18.45
C THR A 170 19.21 -4.91 18.04
N TYR A 171 20.03 -4.17 18.79
CA TYR A 171 20.27 -2.75 18.39
C TYR A 171 21.65 -2.31 18.86
N GLY A 172 22.56 -3.23 19.15
CA GLY A 172 23.96 -2.92 19.42
C GLY A 172 24.85 -3.03 18.18
N MET A 173 26.06 -2.55 18.32
CA MET A 173 27.08 -2.44 17.26
C MET A 173 28.19 -3.45 17.52
N HIS A 174 28.31 -4.41 16.63
CA HIS A 174 29.50 -5.31 16.59
C HIS A 174 30.69 -4.57 16.05
N VAL A 175 31.80 -4.68 16.76
CA VAL A 175 33.09 -4.09 16.38
C VAL A 175 34.05 -5.25 16.06
N ILE A 176 34.59 -5.26 14.87
CA ILE A 176 35.53 -6.32 14.46
C ILE A 176 36.52 -5.72 13.47
N GLN A 177 37.80 -6.12 13.61
CA GLN A 177 38.88 -5.52 12.83
C GLN A 177 39.53 -6.60 11.96
N SER A 178 39.94 -6.20 10.77
CA SER A 178 40.63 -7.07 9.80
C SER A 178 42.01 -7.48 10.33
N PRO A 179 42.54 -8.58 9.80
CA PRO A 179 43.90 -9.00 10.23
C PRO A 179 45.02 -7.97 10.04
N ASP A 180 45.00 -7.11 9.03
CA ASP A 180 46.04 -6.09 8.90
C ASP A 180 45.88 -4.92 9.87
N GLY A 181 44.78 -4.90 10.66
CA GLY A 181 44.55 -3.82 11.62
C GLY A 181 43.90 -2.60 11.05
N CYS A 182 43.68 -2.54 9.76
CA CYS A 182 43.38 -1.22 9.12
C CYS A 182 41.89 -1.01 8.92
N TRP A 183 41.10 -2.05 8.83
CA TRP A 183 39.64 -1.89 8.63
C TRP A 183 38.96 -2.35 9.89
N THR A 184 38.27 -1.44 10.58
CA THR A 184 37.41 -1.78 11.71
C THR A 184 35.97 -1.56 11.25
N ASN A 185 35.20 -2.63 11.24
CA ASN A 185 33.79 -2.54 10.78
C ASN A 185 32.89 -2.45 12.01
N TRP A 186 31.86 -1.60 11.88
CA TRP A 186 30.74 -1.47 12.84
C TRP A 186 29.47 -1.90 12.15
N SER A 187 28.71 -2.84 12.73
CA SER A 187 27.48 -3.30 12.10
C SER A 187 26.52 -3.87 13.10
N ILE A 188 25.26 -3.89 12.74
CA ILE A 188 24.22 -4.58 13.52
C ILE A 188 24.02 -5.95 12.90
N ALA A 189 24.02 -6.99 13.74
CA ALA A 189 23.58 -8.36 13.41
C ALA A 189 23.00 -8.94 14.68
N ARG A 190 21.93 -9.69 14.56
CA ARG A 190 21.24 -10.22 15.74
C ARG A 190 22.14 -11.19 16.52
N ALA A 191 21.90 -11.31 17.80
CA ALA A 191 22.51 -12.40 18.61
C ALA A 191 21.67 -12.65 19.85
N MET A 192 21.65 -13.92 20.26
CA MET A 192 20.92 -14.38 21.45
C MET A 192 21.88 -15.03 22.44
N VAL A 193 21.50 -14.97 23.70
CA VAL A 193 22.26 -15.67 24.76
C VAL A 193 22.17 -17.17 24.51
N SER A 194 23.30 -17.86 24.52
CA SER A 194 23.37 -19.31 24.26
C SER A 194 23.91 -20.06 25.48
N GLY A 195 24.39 -19.37 26.47
CA GLY A 195 25.05 -20.01 27.62
C GLY A 195 25.59 -19.00 28.59
N LYS A 196 26.22 -19.45 29.66
CA LYS A 196 26.73 -18.57 30.73
C LYS A 196 27.62 -17.48 30.12
N ARG A 197 28.43 -17.82 29.13
CA ARG A 197 29.46 -16.90 28.63
C ARG A 197 29.38 -16.72 27.11
N THR A 198 28.31 -17.23 26.50
CA THR A 198 28.24 -17.25 25.00
C THR A 198 26.95 -16.63 24.48
N LEU A 199 27.13 -16.08 23.28
CA LEU A 199 26.03 -15.73 22.37
C LEU A 199 26.14 -16.57 21.11
N ALA A 200 25.06 -16.65 20.38
CA ALA A 200 25.10 -17.15 18.99
C ALA A 200 24.39 -16.11 18.17
N GLY A 201 24.88 -15.86 16.97
CA GLY A 201 24.22 -14.83 16.15
C GLY A 201 24.56 -14.92 14.69
N LEU A 202 23.78 -14.26 13.83
CA LEU A 202 23.97 -14.34 12.38
C LEU A 202 25.25 -13.66 11.94
N VAL A 203 26.02 -14.38 11.12
CA VAL A 203 27.27 -13.91 10.50
C VAL A 203 27.22 -14.34 9.05
N ILE A 204 26.42 -13.66 8.25
CA ILE A 204 26.01 -14.16 6.91
C ILE A 204 26.71 -13.40 5.81
N SER A 205 26.98 -14.10 4.71
N SER A 205 26.97 -14.09 4.72
CA SER A 205 27.40 -13.49 3.43
CA SER A 205 27.40 -13.48 3.46
C SER A 205 26.24 -12.64 2.94
C SER A 205 26.24 -12.64 2.94
N PRO A 206 26.45 -11.45 2.34
CA PRO A 206 27.74 -10.83 2.05
C PRO A 206 28.19 -9.76 3.07
N GLN A 207 27.79 -9.91 4.29
CA GLN A 207 27.96 -8.84 5.29
C GLN A 207 29.43 -8.68 5.67
N HIS A 208 29.82 -7.48 6.09
CA HIS A 208 31.24 -7.24 6.44
C HIS A 208 31.67 -8.04 7.65
N ILE A 209 30.80 -8.28 8.63
CA ILE A 209 31.24 -9.10 9.79
C ILE A 209 31.66 -10.49 9.29
N ARG A 210 30.96 -11.03 8.30
CA ARG A 210 31.30 -12.34 7.72
C ARG A 210 32.52 -12.18 6.85
N LYS A 211 32.68 -11.14 6.04
CA LYS A 211 33.89 -10.98 5.21
C LYS A 211 35.10 -11.00 6.16
N ILE A 212 35.05 -10.21 7.23
CA ILE A 212 36.22 -10.15 8.15
C ILE A 212 36.37 -11.51 8.85
N GLN A 213 35.33 -12.15 9.32
CA GLN A 213 35.43 -13.52 9.90
C GLN A 213 36.23 -14.41 8.94
N ASP A 214 35.86 -14.39 7.67
CA ASP A 214 36.50 -15.28 6.67
C ASP A 214 37.96 -14.84 6.45
N GLN A 215 38.34 -13.59 6.54
CA GLN A 215 39.74 -13.18 6.41
C GLN A 215 40.52 -13.85 7.53
N TRP A 216 40.01 -13.85 8.76
CA TRP A 216 40.71 -14.47 9.90
C TRP A 216 40.75 -15.97 9.75
N ARG A 217 39.66 -16.58 9.31
N ARG A 217 39.67 -16.65 9.32
CA ARG A 217 39.59 -18.02 9.07
CA ARG A 217 39.69 -18.12 9.15
C ARG A 217 40.73 -18.42 8.14
C ARG A 217 40.79 -18.44 8.12
N ALA A 218 40.98 -17.63 7.11
CA ALA A 218 41.95 -17.94 6.02
C ALA A 218 43.38 -17.93 6.59
N ILE A 219 43.65 -17.21 7.66
CA ILE A 219 45.03 -17.22 8.23
C ILE A 219 45.13 -18.11 9.43
N GLY A 220 44.09 -18.83 9.80
CA GLY A 220 44.13 -19.87 10.83
C GLY A 220 43.74 -19.42 12.22
N GLN A 221 43.14 -18.24 12.38
CA GLN A 221 42.70 -17.76 13.71
C GLN A 221 41.41 -18.45 14.09
N GLU A 222 41.33 -19.01 15.28
CA GLU A 222 40.13 -19.71 15.80
C GLU A 222 39.18 -18.72 16.47
N GLU A 223 39.72 -17.81 17.26
CA GLU A 223 38.92 -16.87 18.10
C GLU A 223 39.35 -15.47 17.73
N ILE A 224 38.45 -14.69 17.11
CA ILE A 224 38.76 -13.33 16.65
C ILE A 224 38.43 -12.27 17.69
N PRO A 225 39.32 -11.34 18.02
CA PRO A 225 38.93 -10.26 18.93
C PRO A 225 37.66 -9.59 18.42
N TRP A 226 36.79 -9.27 19.38
CA TRP A 226 35.44 -8.74 19.08
C TRP A 226 34.97 -7.89 20.27
N ALA A 227 34.12 -6.94 19.98
CA ALA A 227 33.37 -6.23 21.02
C ALA A 227 31.95 -5.95 20.48
N LEU A 228 31.01 -5.90 21.39
CA LEU A 228 29.62 -5.53 21.03
C LEU A 228 29.24 -4.39 21.96
N ALA A 229 28.92 -3.24 21.40
CA ALA A 229 28.62 -2.01 22.17
C ALA A 229 27.15 -1.69 22.01
N PHE A 230 26.43 -1.62 23.13
CA PHE A 230 25.00 -1.27 23.17
C PHE A 230 24.83 0.18 23.60
N GLY A 231 23.88 0.90 23.00
CA GLY A 231 23.67 2.30 23.33
C GLY A 231 24.85 3.13 22.94
N VAL A 232 25.31 2.96 21.71
CA VAL A 232 26.36 3.76 21.08
C VAL A 232 25.81 5.11 20.64
N PRO A 233 26.71 6.02 20.24
CA PRO A 233 26.27 7.31 19.69
C PRO A 233 25.30 7.04 18.58
N PRO A 234 24.14 7.74 18.56
CA PRO A 234 23.13 7.44 17.56
C PRO A 234 23.60 7.55 16.12
N THR A 235 24.49 8.46 15.78
CA THR A 235 24.98 8.52 14.40
C THR A 235 25.69 7.20 14.07
N ALA A 236 26.40 6.65 15.06
CA ALA A 236 27.14 5.39 14.90
C ALA A 236 26.19 4.22 14.65
N ILE A 237 25.06 4.14 15.36
CA ILE A 237 24.15 2.98 15.12
C ILE A 237 23.50 3.09 13.73
N MET A 238 23.24 4.31 13.26
CA MET A 238 22.73 4.50 11.91
C MET A 238 23.75 4.02 10.87
N ALA A 239 25.01 4.38 11.02
CA ALA A 239 26.04 3.91 10.06
C ALA A 239 26.23 2.39 10.19
N SER A 240 26.07 1.86 11.39
CA SER A 240 26.18 0.41 11.65
C SER A 240 25.15 -0.32 10.83
N SER A 241 23.97 0.24 10.58
CA SER A 241 22.88 -0.34 9.79
C SER A 241 22.99 -0.04 8.31
N MET A 242 23.97 0.72 7.89
CA MET A 242 24.07 1.18 6.48
C MET A 242 25.16 0.40 5.77
N PRO A 243 24.94 -0.05 4.53
CA PRO A 243 25.97 -0.76 3.77
C PRO A 243 26.88 0.22 3.06
N ILE A 244 27.71 0.90 3.86
CA ILE A 244 28.78 1.75 3.32
C ILE A 244 29.82 0.82 2.69
N PRO A 245 30.75 1.37 1.87
CA PRO A 245 31.58 0.53 1.04
C PRO A 245 32.45 -0.45 1.81
N ASP A 246 32.77 -1.51 1.09
CA ASP A 246 33.79 -2.48 1.51
C ASP A 246 35.10 -1.79 1.94
N GLY A 247 35.63 -2.18 3.09
CA GLY A 247 36.93 -1.72 3.56
C GLY A 247 36.89 -0.35 4.18
N VAL A 248 35.74 0.29 4.24
CA VAL A 248 35.62 1.63 4.86
C VAL A 248 35.23 1.48 6.32
N SER A 249 36.07 1.94 7.22
CA SER A 249 35.77 1.89 8.66
C SER A 249 34.65 2.87 8.95
N GLU A 250 33.57 2.36 9.56
CA GLU A 250 32.41 3.19 9.86
C GLU A 250 32.79 4.38 10.76
N ALA A 251 33.79 4.25 11.64
CA ALA A 251 34.07 5.32 12.62
C ALA A 251 34.35 6.64 11.90
N GLY A 252 35.17 6.63 10.85
CA GLY A 252 35.52 7.87 10.16
C GLY A 252 34.39 8.42 9.33
N TYR A 253 33.52 7.52 8.86
CA TYR A 253 32.31 7.89 8.08
C TYR A 253 31.33 8.58 9.02
N VAL A 254 31.14 8.01 10.20
CA VAL A 254 30.33 8.65 11.27
C VAL A 254 30.87 10.02 11.64
N GLY A 255 32.18 10.13 11.80
CA GLY A 255 32.78 11.43 12.11
C GLY A 255 32.39 12.45 11.04
N ALA A 256 32.49 12.06 9.78
CA ALA A 256 32.17 12.97 8.66
C ALA A 256 30.69 13.33 8.67
N ILE A 257 29.79 12.42 8.96
CA ILE A 257 28.35 12.79 9.11
C ILE A 257 28.19 13.84 10.20
N ALA A 258 28.84 13.64 11.36
CA ALA A 258 28.68 14.51 12.55
C ALA A 258 29.53 15.77 12.40
N GLY A 259 30.51 15.82 11.53
CA GLY A 259 31.40 17.00 11.44
C GLY A 259 32.40 17.06 12.59
N GLU A 260 32.54 16.01 13.39
CA GLU A 260 33.49 15.97 14.52
C GLU A 260 33.77 14.52 14.86
N PRO A 261 34.89 14.21 15.51
CA PRO A 261 35.25 12.84 15.81
C PRO A 261 34.37 12.16 16.84
N ILE A 262 34.25 10.84 16.65
CA ILE A 262 33.72 9.99 17.73
C ILE A 262 34.87 9.76 18.73
N LYS A 263 34.62 9.92 20.00
CA LYS A 263 35.59 9.62 21.05
C LYS A 263 35.49 8.15 21.41
N LEU A 264 36.62 7.46 21.24
CA LEU A 264 36.74 6.01 21.47
C LEU A 264 37.68 5.76 22.66
N VAL A 265 37.37 4.70 23.37
CA VAL A 265 38.25 4.19 24.47
C VAL A 265 38.62 2.77 24.10
N LYS A 266 39.84 2.36 24.46
CA LYS A 266 40.26 0.98 24.24
C LYS A 266 39.51 0.03 25.17
N CYS A 267 39.16 -1.13 24.66
CA CYS A 267 38.70 -2.24 25.47
C CYS A 267 39.76 -2.60 26.52
N ASP A 268 39.30 -3.17 27.62
CA ASP A 268 40.23 -3.58 28.68
C ASP A 268 40.96 -4.88 28.30
N THR A 269 40.28 -5.83 27.70
CA THR A 269 40.79 -7.20 27.48
C THR A 269 41.30 -7.42 26.08
N ASN A 270 41.20 -6.45 25.19
CA ASN A 270 41.71 -6.60 23.81
C ASN A 270 42.09 -5.26 23.25
N ASN A 271 42.51 -5.21 22.00
CA ASN A 271 43.04 -3.99 21.38
C ASN A 271 42.00 -3.27 20.52
N LEU A 272 40.73 -3.62 20.66
CA LEU A 272 39.65 -2.92 19.93
C LEU A 272 39.24 -1.67 20.71
N TYR A 273 38.55 -0.79 20.02
CA TYR A 273 38.09 0.48 20.57
C TYR A 273 36.59 0.59 20.45
N VAL A 274 35.95 1.18 21.46
CA VAL A 274 34.48 1.31 21.49
C VAL A 274 34.16 2.74 21.89
N PRO A 275 32.98 3.25 21.49
CA PRO A 275 32.64 4.60 21.91
C PRO A 275 32.66 4.73 23.44
N ALA A 276 33.30 5.82 23.88
CA ALA A 276 33.62 6.04 25.31
C ALA A 276 32.34 6.19 26.13
N ASN A 277 31.25 6.65 25.53
CA ASN A 277 29.96 6.87 26.24
C ASN A 277 28.95 5.80 25.88
N SER A 278 29.37 4.64 25.39
CA SER A 278 28.45 3.50 25.18
C SER A 278 27.77 3.14 26.51
N GLU A 279 26.58 2.62 26.47
CA GLU A 279 25.87 2.21 27.69
C GLU A 279 26.50 0.92 28.26
N ILE A 280 26.75 -0.08 27.41
CA ILE A 280 27.17 -1.45 27.80
C ILE A 280 28.09 -1.95 26.73
N VAL A 281 29.23 -2.49 27.12
CA VAL A 281 30.14 -3.14 26.15
C VAL A 281 30.43 -4.57 26.57
N LEU A 282 30.29 -5.50 25.65
CA LEU A 282 30.79 -6.88 25.79
C LEU A 282 32.09 -7.00 25.05
N GLU A 283 33.14 -7.52 25.72
CA GLU A 283 34.44 -7.77 25.10
C GLU A 283 34.68 -9.28 25.03
N GLY A 284 35.15 -9.77 23.88
CA GLY A 284 35.40 -11.22 23.81
C GLY A 284 35.88 -11.60 22.44
N THR A 285 35.38 -12.74 21.96
CA THR A 285 35.81 -13.30 20.67
C THR A 285 34.63 -13.83 19.88
N LEU A 286 34.81 -13.75 18.57
CA LEU A 286 33.93 -14.44 17.58
C LEU A 286 34.70 -15.66 17.04
N SER A 287 34.12 -16.83 17.14
CA SER A 287 34.81 -18.05 16.66
C SER A 287 34.75 -18.15 15.15
N THR A 288 35.79 -18.76 14.56
CA THR A 288 35.77 -19.28 13.17
C THR A 288 35.44 -20.76 13.15
N THR A 289 35.52 -21.43 14.29
CA THR A 289 35.53 -22.92 14.36
C THR A 289 34.23 -23.44 14.99
N LYS A 290 33.58 -22.68 15.86
CA LYS A 290 32.43 -23.24 16.60
C LYS A 290 31.15 -22.54 16.17
N MET A 291 30.09 -23.32 16.02
CA MET A 291 28.73 -22.82 15.82
C MET A 291 27.84 -23.43 16.91
N ALA A 292 26.66 -22.87 17.09
CA ALA A 292 25.64 -23.32 18.04
C ALA A 292 24.27 -23.05 17.45
N PRO A 293 23.23 -23.72 17.87
CA PRO A 293 21.89 -23.49 17.36
C PRO A 293 21.52 -22.02 17.62
N GLU A 294 21.00 -21.37 16.58
CA GLU A 294 20.64 -19.92 16.67
C GLU A 294 19.28 -19.73 16.03
N GLY A 295 18.46 -18.86 16.64
CA GLY A 295 17.10 -18.69 16.15
C GLY A 295 16.19 -19.81 16.63
N PRO A 296 14.93 -19.79 16.21
CA PRO A 296 14.36 -18.79 15.30
C PRO A 296 14.18 -17.42 16.00
N PHE A 297 13.86 -16.45 15.17
CA PHE A 297 13.72 -15.05 15.60
C PHE A 297 12.64 -14.38 14.77
N GLY A 298 11.70 -13.71 15.43
CA GLY A 298 10.70 -12.87 14.76
C GLY A 298 11.39 -11.75 14.01
N GLU A 299 11.36 -11.78 12.70
CA GLU A 299 12.28 -11.00 11.88
C GLU A 299 11.59 -9.90 11.07
N MET A 300 12.43 -9.24 10.30
CA MET A 300 12.10 -7.98 9.61
C MET A 300 10.95 -8.12 8.62
N HIS A 301 10.68 -9.35 8.15
CA HIS A 301 9.60 -9.55 7.16
C HIS A 301 8.25 -9.87 7.84
N GLY A 302 8.24 -10.02 9.14
CA GLY A 302 7.02 -10.19 9.94
C GLY A 302 6.76 -11.64 10.32
N TYR A 303 7.75 -12.51 10.27
CA TYR A 303 7.57 -13.96 10.53
C TYR A 303 8.53 -14.48 11.57
N VAL A 304 8.06 -15.44 12.35
CA VAL A 304 8.95 -16.40 13.06
C VAL A 304 8.51 -17.81 12.70
N TYR A 305 9.47 -18.70 12.57
CA TYR A 305 9.20 -20.14 12.32
C TYR A 305 9.48 -20.94 13.59
N PRO A 306 8.46 -21.23 14.43
CA PRO A 306 8.70 -21.93 15.69
C PRO A 306 9.50 -23.21 15.49
N GLY A 307 10.51 -23.38 16.34
CA GLY A 307 11.33 -24.61 16.37
C GLY A 307 12.45 -24.60 15.35
N GLU A 308 12.53 -23.62 14.45
CA GLU A 308 13.47 -23.68 13.33
C GLU A 308 14.75 -22.93 13.63
N SER A 309 15.66 -23.54 14.36
CA SER A 309 17.03 -23.04 14.57
C SER A 309 17.90 -23.37 13.39
N HIS A 310 19.03 -22.71 13.26
CA HIS A 310 20.08 -23.06 12.31
C HIS A 310 21.41 -22.75 12.94
N PRO A 311 22.50 -23.47 12.65
CA PRO A 311 23.77 -23.18 13.29
C PRO A 311 24.23 -21.77 12.92
N ALA A 312 24.79 -21.10 13.93
CA ALA A 312 25.45 -19.78 13.72
C ALA A 312 26.69 -19.72 14.60
N PRO A 313 27.62 -18.80 14.28
CA PRO A 313 28.83 -18.65 15.05
C PRO A 313 28.61 -18.31 16.53
N VAL A 314 29.55 -18.76 17.35
CA VAL A 314 29.61 -18.51 18.80
C VAL A 314 30.47 -17.31 19.10
N TYR A 315 29.91 -16.39 19.90
CA TYR A 315 30.65 -15.28 20.51
C TYR A 315 30.87 -15.67 22.00
N THR A 316 32.07 -15.46 22.47
CA THR A 316 32.41 -15.69 23.89
C THR A 316 32.65 -14.33 24.51
N VAL A 317 32.04 -14.11 25.67
CA VAL A 317 32.15 -12.82 26.39
C VAL A 317 33.13 -12.98 27.56
N ASN A 318 34.14 -12.16 27.60
CA ASN A 318 35.19 -12.25 28.66
C ASN A 318 35.12 -11.06 29.62
N LYS A 319 34.50 -9.94 29.26
CA LYS A 319 34.35 -8.80 30.19
C LYS A 319 33.14 -8.01 29.72
N ILE A 320 32.43 -7.45 30.69
CA ILE A 320 31.31 -6.50 30.44
C ILE A 320 31.70 -5.20 31.13
N THR A 321 31.67 -4.07 30.45
CA THR A 321 31.80 -2.77 31.10
C THR A 321 30.56 -1.99 30.83
N TYR A 322 30.14 -1.13 31.76
CA TYR A 322 28.89 -0.41 31.55
C TYR A 322 28.82 0.87 32.36
N ARG A 323 27.98 1.77 31.87
CA ARG A 323 27.60 3.03 32.58
C ARG A 323 26.74 2.73 33.78
N ASN A 324 26.88 3.61 34.77
CA ASN A 324 25.85 3.70 35.80
C ASN A 324 24.48 3.84 35.13
N ASN A 325 23.50 3.14 35.66
CA ASN A 325 22.10 3.25 35.17
C ASN A 325 22.01 2.90 33.68
N ALA A 326 22.82 1.91 33.29
CA ALA A 326 22.89 1.48 31.88
C ALA A 326 21.55 1.13 31.26
N ILE A 327 21.41 1.45 29.97
CA ILE A 327 20.21 1.18 29.16
C ILE A 327 20.58 0.28 27.96
N LEU A 328 19.88 -0.84 27.85
CA LEU A 328 19.95 -1.74 26.67
C LEU A 328 18.89 -1.35 25.67
N PRO A 329 19.21 -0.97 24.43
CA PRO A 329 18.18 -0.70 23.43
C PRO A 329 17.68 -2.01 22.85
N MET A 330 16.45 -2.02 22.43
CA MET A 330 15.80 -3.24 21.94
C MET A 330 14.90 -2.88 20.76
N SER A 331 15.05 -3.62 19.65
CA SER A 331 14.13 -3.58 18.52
C SER A 331 13.24 -4.80 18.57
N ALA A 332 11.96 -4.62 18.84
CA ALA A 332 10.97 -5.71 18.83
C ALA A 332 10.43 -5.80 17.40
N CYS A 333 11.22 -6.38 16.49
CA CYS A 333 10.95 -6.25 15.07
C CYS A 333 9.90 -7.25 14.59
N GLY A 334 9.30 -6.96 13.48
CA GLY A 334 8.25 -7.84 12.93
C GLY A 334 7.40 -7.10 11.93
N ARG A 335 6.09 -7.20 12.05
CA ARG A 335 5.17 -6.45 11.18
C ARG A 335 5.35 -4.93 11.43
N LEU A 336 4.91 -4.14 10.46
CA LEU A 336 5.14 -2.67 10.43
C LEU A 336 4.75 -2.01 11.75
N THR A 337 5.51 -1.03 12.23
CA THR A 337 6.70 -0.43 11.62
C THR A 337 7.77 -0.33 12.69
N ASP A 338 8.95 -0.92 12.45
CA ASP A 338 10.04 -0.91 13.40
C ASP A 338 11.35 -0.56 12.67
N GLU A 339 12.45 -0.69 13.41
CA GLU A 339 13.78 -0.30 12.93
C GLU A 339 14.21 -1.07 11.69
N THR A 340 13.72 -2.31 11.57
CA THR A 340 14.12 -3.09 10.39
C THR A 340 13.54 -2.48 9.13
N GLN A 341 12.41 -1.80 9.19
CA GLN A 341 11.89 -1.13 7.99
C GLN A 341 12.27 0.34 7.96
N THR A 342 12.45 1.00 9.09
CA THR A 342 12.84 2.41 9.02
C THR A 342 14.31 2.59 8.70
N MET A 343 15.14 1.60 8.99
CA MET A 343 16.63 1.70 8.82
C MET A 343 17.12 0.71 7.78
N ILE A 344 16.84 -0.59 7.85
CA ILE A 344 17.52 -1.53 6.93
C ILE A 344 17.13 -1.23 5.50
N GLY A 345 15.85 -1.19 5.19
CA GLY A 345 15.43 -0.98 3.81
C GLY A 345 15.82 0.39 3.31
N THR A 346 15.62 1.38 4.13
CA THR A 346 15.83 2.79 3.74
C THR A 346 17.31 3.09 3.51
N LEU A 347 18.19 2.58 4.38
CA LEU A 347 19.61 2.85 4.21
C LEU A 347 20.15 2.04 3.03
N ALA A 348 19.64 0.86 2.76
CA ALA A 348 19.97 0.14 1.52
C ALA A 348 19.51 0.96 0.33
N ALA A 349 18.32 1.53 0.39
CA ALA A 349 17.78 2.35 -0.73
C ALA A 349 18.74 3.52 -0.98
N ALA A 350 19.23 4.15 0.08
CA ALA A 350 20.17 5.28 -0.07
C ALA A 350 21.41 4.82 -0.83
N GLU A 351 21.97 3.69 -0.43
CA GLU A 351 23.19 3.19 -1.11
C GLU A 351 22.87 2.74 -2.53
N ILE A 352 21.70 2.18 -2.78
CA ILE A 352 21.31 1.83 -4.16
C ILE A 352 21.18 3.09 -5.00
N ARG A 353 20.65 4.18 -4.50
CA ARG A 353 20.60 5.46 -5.22
C ARG A 353 22.02 5.84 -5.65
N GLN A 354 22.94 5.81 -4.70
N GLN A 354 22.98 5.82 -4.75
CA GLN A 354 24.35 6.19 -4.92
CA GLN A 354 24.33 6.32 -5.11
C GLN A 354 24.98 5.31 -6.01
C GLN A 354 25.02 5.31 -6.04
N LEU A 355 24.80 4.01 -5.88
CA LEU A 355 25.32 3.02 -6.86
C LEU A 355 24.73 3.30 -8.24
N CYS A 356 23.46 3.55 -8.38
CA CYS A 356 22.88 3.83 -9.69
C CYS A 356 23.49 5.10 -10.28
N GLN A 357 23.68 6.13 -9.48
CA GLN A 357 24.28 7.39 -9.97
C GLN A 357 25.72 7.10 -10.42
N ARG A 358 26.46 6.35 -9.66
CA ARG A 358 27.88 6.03 -10.03
C ARG A 358 27.93 5.14 -11.26
N ALA A 359 26.90 4.38 -11.57
CA ALA A 359 26.80 3.61 -12.84
C ALA A 359 26.39 4.48 -14.02
N GLY A 360 26.07 5.75 -13.78
CA GLY A 360 25.62 6.61 -14.88
C GLY A 360 24.15 6.58 -15.15
N LEU A 361 23.34 5.96 -14.28
CA LEU A 361 21.90 5.89 -14.51
C LEU A 361 21.26 7.17 -13.99
N PRO A 362 20.16 7.61 -14.63
CA PRO A 362 19.53 8.88 -14.30
C PRO A 362 18.58 8.77 -13.10
N ILE A 363 19.11 8.35 -11.95
CA ILE A 363 18.30 8.18 -10.70
C ILE A 363 18.51 9.34 -9.78
N THR A 364 17.48 10.00 -9.28
CA THR A 364 17.64 11.16 -8.39
C THR A 364 17.41 10.75 -6.93
N ASP A 365 16.58 9.73 -6.69
CA ASP A 365 16.12 9.43 -5.32
C ASP A 365 15.76 7.94 -5.29
N ALA A 366 15.77 7.39 -4.11
CA ALA A 366 15.35 6.00 -3.88
C ALA A 366 14.78 5.92 -2.49
N PHE A 367 13.78 5.06 -2.33
CA PHE A 367 13.24 4.78 -1.00
C PHE A 367 12.79 3.34 -0.96
N ALA A 368 12.61 2.79 0.21
CA ALA A 368 12.11 1.43 0.44
C ALA A 368 10.69 1.53 1.01
N PRO A 369 9.67 1.47 0.13
CA PRO A 369 8.29 1.65 0.58
C PRO A 369 7.96 0.73 1.73
N PHE A 370 7.25 1.23 2.74
CA PHE A 370 6.86 0.39 3.89
C PHE A 370 6.01 -0.79 3.44
N VAL A 371 5.12 -0.62 2.47
CA VAL A 371 4.26 -1.69 1.93
C VAL A 371 5.11 -2.88 1.46
N GLY A 372 6.33 -2.65 1.00
CA GLY A 372 7.18 -3.74 0.49
C GLY A 372 7.87 -4.55 1.59
N GLN A 373 7.69 -4.20 2.85
CA GLN A 373 8.26 -4.97 3.99
C GLN A 373 9.78 -5.10 3.86
N ALA A 374 10.44 -4.02 3.50
CA ALA A 374 11.91 -3.94 3.37
C ALA A 374 12.43 -4.82 2.25
N THR A 375 11.62 -5.16 1.27
CA THR A 375 12.07 -5.96 0.12
C THR A 375 11.96 -5.20 -1.18
N TRP A 376 11.35 -4.01 -1.19
CA TRP A 376 11.16 -3.21 -2.40
C TRP A 376 11.99 -1.92 -2.30
N VAL A 377 12.52 -1.47 -3.41
CA VAL A 377 13.03 -0.10 -3.53
C VAL A 377 12.47 0.52 -4.79
N ALA A 378 11.96 1.71 -4.63
CA ALA A 378 11.47 2.58 -5.72
C ALA A 378 12.56 3.57 -6.09
N LEU A 379 12.83 3.67 -7.38
CA LEU A 379 13.89 4.51 -7.95
C LEU A 379 13.25 5.59 -8.80
N LYS A 380 13.51 6.85 -8.43
CA LYS A 380 12.92 7.99 -9.13
C LYS A 380 13.87 8.39 -10.27
N VAL A 381 13.35 8.50 -11.48
CA VAL A 381 14.14 8.76 -12.70
C VAL A 381 14.02 10.23 -13.08
N ASP A 382 15.16 10.85 -13.38
CA ASP A 382 15.25 12.16 -14.07
C ASP A 382 14.88 11.90 -15.52
N THR A 383 13.64 12.20 -15.88
CA THR A 383 13.12 11.78 -17.22
C THR A 383 13.71 12.65 -18.34
N HIS A 384 14.05 13.88 -18.04
CA HIS A 384 14.74 14.74 -19.04
C HIS A 384 16.06 14.06 -19.43
N ARG A 385 16.82 13.63 -18.43
CA ARG A 385 18.09 12.91 -18.71
C ARG A 385 17.86 11.57 -19.35
N LEU A 386 16.83 10.85 -18.91
CA LEU A 386 16.46 9.58 -19.54
C LEU A 386 16.25 9.78 -21.04
N ARG A 387 15.45 10.78 -21.42
CA ARG A 387 15.16 10.98 -22.85
C ARG A 387 16.45 11.28 -23.60
N ALA A 388 17.39 11.99 -22.99
CA ALA A 388 18.68 12.32 -23.66
C ALA A 388 19.51 11.06 -23.85
N MET A 389 19.31 10.07 -22.99
N MET A 389 19.27 9.99 -23.08
CA MET A 389 20.06 8.82 -23.06
CA MET A 389 19.99 8.69 -23.22
C MET A 389 19.46 7.86 -24.12
C MET A 389 19.55 7.97 -24.45
N LYS A 390 18.29 8.15 -24.77
CA LYS A 390 17.70 7.50 -25.93
C LYS A 390 17.71 5.98 -25.76
N THR A 391 16.98 5.49 -24.78
CA THR A 391 16.84 4.06 -24.48
C THR A 391 15.34 3.71 -24.44
N ASN A 392 15.05 2.55 -23.88
CA ASN A 392 13.68 2.02 -23.78
C ASN A 392 13.55 1.23 -22.47
N GLY A 393 12.33 0.98 -22.04
CA GLY A 393 12.14 0.44 -20.69
C GLY A 393 12.69 -0.95 -20.58
N LYS A 394 12.53 -1.78 -21.60
CA LYS A 394 13.03 -3.16 -21.50
C LYS A 394 14.55 -3.20 -21.32
N ALA A 395 15.28 -2.41 -22.08
CA ALA A 395 16.74 -2.30 -21.98
C ALA A 395 17.12 -1.68 -20.63
N PHE A 396 16.42 -0.65 -20.22
CA PHE A 396 16.77 0.14 -19.03
C PHE A 396 16.54 -0.73 -17.80
N ALA A 397 15.44 -1.47 -17.75
CA ALA A 397 15.10 -2.29 -16.57
C ALA A 397 16.18 -3.37 -16.39
N LYS A 398 16.60 -3.98 -17.50
CA LYS A 398 17.65 -5.01 -17.40
C LYS A 398 18.93 -4.37 -16.89
N ARG A 399 19.33 -3.21 -17.40
CA ARG A 399 20.58 -2.55 -16.99
C ARG A 399 20.52 -2.20 -15.51
N VAL A 400 19.40 -1.65 -15.03
CA VAL A 400 19.27 -1.30 -13.60
C VAL A 400 19.45 -2.56 -12.73
N GLY A 401 18.78 -3.65 -13.07
CA GLY A 401 18.92 -4.86 -12.29
C GLY A 401 20.35 -5.41 -12.33
N ASP A 402 20.98 -5.38 -13.49
CA ASP A 402 22.38 -5.85 -13.59
C ASP A 402 23.27 -5.00 -12.71
N VAL A 403 23.05 -3.70 -12.67
CA VAL A 403 23.86 -2.79 -11.84
C VAL A 403 23.64 -3.11 -10.36
N VAL A 404 22.40 -3.22 -9.92
CA VAL A 404 22.09 -3.27 -8.47
C VAL A 404 22.16 -4.68 -7.92
N PHE A 405 21.64 -5.68 -8.61
CA PHE A 405 21.47 -7.03 -8.03
C PHE A 405 22.77 -7.85 -8.02
N THR A 406 23.85 -7.33 -8.60
CA THR A 406 25.17 -7.94 -8.54
C THR A 406 26.08 -7.21 -7.57
N GLN A 407 25.51 -6.40 -6.68
CA GLN A 407 26.29 -5.70 -5.65
C GLN A 407 25.68 -5.99 -4.27
N LYS A 408 26.52 -5.92 -3.26
CA LYS A 408 26.12 -6.12 -1.86
C LYS A 408 24.94 -5.20 -1.50
N VAL A 409 24.97 -3.94 -1.88
CA VAL A 409 23.87 -3.03 -1.45
C VAL A 409 22.52 -3.49 -1.98
N GLY A 410 22.46 -4.31 -3.02
CA GLY A 410 21.19 -4.78 -3.56
C GLY A 410 20.77 -6.09 -2.97
N TYR A 411 21.52 -6.70 -2.07
CA TYR A 411 21.28 -8.10 -1.65
C TYR A 411 19.87 -8.31 -1.07
N MET A 412 19.46 -7.48 -0.14
CA MET A 412 18.20 -7.71 0.60
C MET A 412 16.98 -7.32 -0.23
N ILE A 413 17.17 -6.64 -1.35
CA ILE A 413 16.04 -6.04 -2.12
C ILE A 413 15.72 -6.98 -3.26
N HIS A 414 14.46 -7.33 -3.39
CA HIS A 414 14.02 -8.29 -4.44
C HIS A 414 13.21 -7.61 -5.55
N ARG A 415 12.64 -6.43 -5.33
CA ARG A 415 11.87 -5.75 -6.38
C ARG A 415 12.31 -4.31 -6.43
N LEU A 416 12.81 -3.88 -7.59
CA LEU A 416 13.09 -2.47 -7.90
C LEU A 416 11.93 -1.97 -8.78
N ILE A 417 11.39 -0.80 -8.44
CA ILE A 417 10.30 -0.17 -9.19
C ILE A 417 10.84 1.12 -9.76
N LEU A 418 10.92 1.25 -11.07
CA LEU A 418 11.38 2.49 -11.73
C LEU A 418 10.18 3.38 -11.95
N VAL A 419 10.23 4.62 -11.50
CA VAL A 419 9.10 5.59 -11.64
C VAL A 419 9.66 6.90 -12.17
N GLY A 420 8.83 7.66 -12.88
CA GLY A 420 9.23 8.96 -13.37
C GLY A 420 9.18 10.01 -12.29
N ASP A 421 9.51 11.23 -12.69
CA ASP A 421 9.77 12.31 -11.70
C ASP A 421 8.50 13.07 -11.34
N ASP A 422 7.31 12.64 -11.73
CA ASP A 422 6.05 13.07 -11.11
C ASP A 422 5.67 12.22 -9.87
N ILE A 423 6.40 11.18 -9.54
CA ILE A 423 6.06 10.25 -8.45
C ILE A 423 6.93 10.55 -7.26
N ASP A 424 6.33 10.78 -6.10
CA ASP A 424 7.10 10.98 -4.84
C ASP A 424 7.46 9.59 -4.34
N VAL A 425 8.73 9.17 -4.50
CA VAL A 425 9.12 7.78 -4.10
C VAL A 425 9.11 7.60 -2.60
N TYR A 426 9.07 8.70 -1.83
CA TYR A 426 9.02 8.61 -0.36
C TYR A 426 7.58 8.40 0.14
N ASP A 427 6.59 8.38 -0.78
CA ASP A 427 5.14 8.27 -0.48
C ASP A 427 4.69 6.91 -1.05
N ASP A 428 4.38 5.97 -0.20
CA ASP A 428 3.97 4.62 -0.64
C ASP A 428 2.74 4.72 -1.55
N LYS A 429 1.86 5.70 -1.34
CA LYS A 429 0.63 5.80 -2.16
C LYS A 429 1.00 6.10 -3.63
N ASP A 430 1.94 7.03 -3.82
CA ASP A 430 2.38 7.37 -5.18
C ASP A 430 3.09 6.19 -5.84
N VAL A 431 3.93 5.51 -5.06
CA VAL A 431 4.64 4.33 -5.62
C VAL A 431 3.63 3.27 -6.05
N MET A 432 2.66 2.95 -5.21
CA MET A 432 1.70 1.93 -5.59
C MET A 432 0.85 2.36 -6.78
N TRP A 433 0.49 3.64 -6.85
CA TRP A 433 -0.31 4.11 -7.98
C TRP A 433 0.48 3.88 -9.27
N ALA A 434 1.75 4.32 -9.28
CA ALA A 434 2.61 4.17 -10.45
C ALA A 434 2.78 2.71 -10.79
N PHE A 435 3.09 1.85 -9.83
CA PHE A 435 3.28 0.43 -10.07
C PHE A 435 2.04 -0.18 -10.72
N ALA A 436 0.88 0.11 -10.10
CA ALA A 436 -0.37 -0.55 -10.54
C ALA A 436 -0.84 -0.07 -11.90
N THR A 437 -0.46 1.12 -12.32
CA THR A 437 -1.02 1.73 -13.54
C THR A 437 -0.02 1.96 -14.68
N ARG A 438 1.28 1.82 -14.41
CA ARG A 438 2.34 2.10 -15.42
C ARG A 438 3.19 0.88 -15.76
N CYS A 439 3.17 -0.16 -14.98
CA CYS A 439 3.97 -1.37 -15.25
C CYS A 439 3.05 -2.50 -15.64
N ARG A 440 3.07 -2.82 -16.93
CA ARG A 440 2.27 -3.99 -17.43
C ARG A 440 2.89 -5.26 -16.88
N PRO A 441 2.17 -6.02 -16.05
CA PRO A 441 2.74 -7.22 -15.44
C PRO A 441 3.39 -8.10 -16.50
N GLY A 442 4.59 -8.57 -16.19
CA GLY A 442 5.33 -9.47 -17.07
C GLY A 442 6.00 -8.73 -18.20
N THR A 443 5.21 -8.16 -19.10
CA THR A 443 5.69 -7.43 -20.26
C THR A 443 6.75 -6.38 -19.85
N ASP A 444 6.50 -5.63 -18.79
CA ASP A 444 7.34 -4.48 -18.39
C ASP A 444 8.23 -4.86 -17.22
N GLU A 445 8.50 -6.14 -17.02
CA GLU A 445 9.32 -6.63 -15.91
C GLU A 445 10.46 -7.46 -16.45
N VAL A 446 11.61 -7.34 -15.82
CA VAL A 446 12.79 -8.19 -16.12
C VAL A 446 13.03 -8.97 -14.86
N PHE A 447 13.07 -10.27 -15.00
CA PHE A 447 13.26 -11.19 -13.87
C PHE A 447 14.70 -11.68 -13.83
N PHE A 448 15.22 -11.85 -12.62
CA PHE A 448 16.65 -12.20 -12.36
C PHE A 448 16.70 -13.49 -11.56
N ASP A 449 17.05 -14.58 -12.23
CA ASP A 449 17.12 -15.94 -11.66
C ASP A 449 18.51 -16.30 -11.14
N ASP A 450 19.55 -15.56 -11.50
CA ASP A 450 20.93 -16.07 -11.25
C ASP A 450 21.67 -15.28 -10.18
N VAL A 451 21.11 -14.20 -9.69
CA VAL A 451 21.75 -13.26 -8.72
C VAL A 451 21.52 -13.78 -7.31
N PRO A 452 22.32 -13.31 -6.34
CA PRO A 452 22.12 -13.74 -4.97
C PRO A 452 20.74 -13.30 -4.50
N GLY A 453 20.09 -14.18 -3.79
CA GLY A 453 18.73 -13.98 -3.29
C GLY A 453 18.74 -14.04 -1.78
N PHE A 454 17.92 -13.24 -1.11
CA PHE A 454 17.94 -13.10 0.34
C PHE A 454 17.05 -14.16 1.01
N TRP A 455 17.71 -15.21 1.50
CA TRP A 455 17.03 -16.42 1.98
C TRP A 455 16.06 -16.17 3.09
N LEU A 456 16.23 -15.10 3.84
N LEU A 456 16.24 -15.12 3.90
CA LEU A 456 15.37 -14.86 5.02
CA LEU A 456 15.36 -14.89 5.05
C LEU A 456 13.94 -14.53 4.62
C LEU A 456 13.92 -14.66 4.56
N ILE A 457 13.71 -14.03 3.41
CA ILE A 457 12.33 -13.79 2.94
C ILE A 457 11.60 -15.11 2.85
N PRO A 458 10.40 -15.26 3.41
CA PRO A 458 9.73 -16.56 3.41
C PRO A 458 9.54 -17.19 2.03
N TYR A 459 9.29 -16.42 0.97
CA TYR A 459 9.15 -17.01 -0.39
C TYR A 459 10.48 -17.54 -0.92
N MET A 460 11.59 -17.27 -0.25
CA MET A 460 12.94 -17.80 -0.57
C MET A 460 13.19 -19.08 0.21
N SER A 461 13.42 -19.00 1.51
CA SER A 461 13.77 -20.20 2.32
C SER A 461 12.59 -21.14 2.47
N HIS A 462 11.35 -20.66 2.40
CA HIS A 462 10.17 -21.53 2.58
C HIS A 462 9.37 -21.55 1.26
N GLY A 463 10.03 -21.40 0.13
CA GLY A 463 9.35 -21.25 -1.17
C GLY A 463 9.64 -22.34 -2.18
N ASN A 464 9.39 -22.01 -3.42
CA ASN A 464 9.32 -23.03 -4.51
C ASN A 464 10.62 -23.13 -5.26
N ALA A 465 11.64 -22.33 -5.01
CA ALA A 465 12.91 -22.39 -5.78
C ALA A 465 14.07 -22.20 -4.80
N GLU A 466 15.25 -22.04 -5.35
CA GLU A 466 16.49 -22.04 -4.56
C GLU A 466 16.45 -20.92 -3.52
N ALA A 467 16.73 -21.23 -2.28
CA ALA A 467 16.61 -20.26 -1.17
C ALA A 467 17.59 -19.11 -1.32
N ILE A 468 18.75 -19.33 -1.93
CA ILE A 468 19.85 -18.34 -1.95
C ILE A 468 20.06 -17.72 -3.32
N LYS A 469 19.19 -17.97 -4.30
CA LYS A 469 19.47 -17.51 -5.66
C LYS A 469 18.16 -17.12 -6.34
N GLY A 470 18.19 -15.99 -7.04
CA GLY A 470 17.09 -15.54 -7.91
C GLY A 470 15.94 -14.92 -7.10
N GLY A 471 14.81 -14.89 -7.75
CA GLY A 471 13.58 -14.36 -7.14
C GLY A 471 13.52 -12.85 -7.15
N LYS A 472 14.20 -12.21 -8.07
CA LYS A 472 14.26 -10.73 -8.14
C LYS A 472 13.64 -10.24 -9.45
N VAL A 473 13.32 -8.94 -9.46
CA VAL A 473 12.60 -8.31 -10.58
C VAL A 473 12.88 -6.82 -10.58
N VAL A 474 13.03 -6.29 -11.78
CA VAL A 474 12.91 -4.82 -12.00
C VAL A 474 11.62 -4.56 -12.75
N SER A 475 10.76 -3.73 -12.16
CA SER A 475 9.45 -3.35 -12.69
C SER A 475 9.58 -1.98 -13.34
N ASP A 476 9.36 -1.88 -14.64
CA ASP A 476 9.43 -0.61 -15.37
C ASP A 476 8.08 0.08 -15.27
N ALA A 477 7.94 0.97 -14.32
CA ALA A 477 6.72 1.77 -14.13
C ALA A 477 6.89 3.16 -14.70
N LEU A 478 7.67 3.31 -15.76
CA LEU A 478 7.62 4.49 -16.66
C LEU A 478 6.78 4.16 -17.88
N LEU A 479 5.86 5.05 -18.22
CA LEU A 479 5.05 4.81 -19.42
C LEU A 479 5.93 4.98 -20.66
N THR A 480 5.53 4.31 -21.73
CA THR A 480 6.37 4.21 -22.94
C THR A 480 6.85 5.59 -23.42
N ALA A 481 5.96 6.58 -23.47
CA ALA A 481 6.34 7.89 -24.00
C ALA A 481 7.37 8.60 -23.14
N GLU A 482 7.52 8.21 -21.89
CA GLU A 482 8.51 8.87 -20.99
C GLU A 482 9.94 8.64 -21.52
N TYR A 483 10.17 7.55 -22.28
CA TYR A 483 11.53 7.28 -22.82
C TYR A 483 11.81 8.05 -24.10
N THR A 484 10.78 8.62 -24.73
CA THR A 484 10.90 9.17 -26.12
C THR A 484 10.54 10.65 -26.09
N THR A 485 9.23 10.94 -26.19
CA THR A 485 8.77 12.33 -26.42
C THR A 485 8.34 13.04 -25.15
N GLY A 486 8.05 12.32 -24.06
CA GLY A 486 7.72 12.98 -22.80
C GLY A 486 6.33 12.66 -22.27
N LYS A 487 6.11 13.08 -21.06
CA LYS A 487 4.81 12.90 -20.37
C LYS A 487 3.70 13.50 -21.21
N ASP A 488 2.67 12.71 -21.52
CA ASP A 488 1.55 13.14 -22.40
C ASP A 488 0.19 12.99 -21.71
N TRP A 489 0.14 12.70 -20.42
CA TRP A 489 -1.10 12.65 -19.62
C TRP A 489 -1.07 13.78 -18.62
N GLU A 490 -2.23 13.96 -18.00
CA GLU A 490 -2.42 14.79 -16.84
C GLU A 490 -3.06 13.95 -15.75
N SER A 491 -2.59 13.99 -14.53
CA SER A 491 -3.22 13.25 -13.43
C SER A 491 -4.65 13.77 -13.23
N ALA A 492 -5.57 12.84 -13.01
CA ALA A 492 -6.97 13.13 -12.60
C ALA A 492 -7.04 13.33 -11.09
N ASP A 493 -6.43 14.41 -10.60
CA ASP A 493 -6.38 14.73 -9.17
C ASP A 493 -6.58 16.24 -9.01
N PHE A 494 -6.77 16.64 -7.80
CA PHE A 494 -7.04 18.08 -7.54
C PHE A 494 -5.88 18.92 -8.01
N LYS A 495 -4.64 18.48 -7.78
CA LYS A 495 -3.44 19.30 -8.13
C LYS A 495 -3.29 19.50 -9.63
N ASN A 496 -3.73 18.56 -10.47
CA ASN A 496 -3.31 18.58 -11.90
C ASN A 496 -4.47 18.67 -12.87
N SER A 497 -5.73 18.45 -12.45
CA SER A 497 -6.88 18.44 -13.38
C SER A 497 -7.71 19.73 -13.21
N TYR A 498 -7.28 20.71 -12.41
CA TYR A 498 -8.02 21.98 -12.22
C TYR A 498 -7.00 23.10 -12.29
N PRO A 499 -7.32 24.23 -12.93
CA PRO A 499 -6.37 25.35 -12.94
C PRO A 499 -6.20 25.94 -11.55
N LYS A 500 -5.07 26.63 -11.37
CA LYS A 500 -4.71 27.30 -10.11
C LYS A 500 -5.83 28.22 -9.62
N SER A 501 -6.51 28.92 -10.53
CA SER A 501 -7.61 29.85 -10.17
C SER A 501 -8.74 29.10 -9.46
N ILE A 502 -9.07 27.91 -10.00
CA ILE A 502 -10.12 27.04 -9.39
C ILE A 502 -9.61 26.47 -8.07
N GLN A 503 -8.38 25.92 -8.05
N GLN A 503 -8.38 25.93 -8.08
CA GLN A 503 -7.85 25.36 -6.79
CA GLN A 503 -7.78 25.37 -6.83
C GLN A 503 -7.91 26.43 -5.69
C GLN A 503 -7.83 26.42 -5.70
N ASP A 504 -7.44 27.64 -6.00
CA ASP A 504 -7.36 28.73 -4.98
C ASP A 504 -8.78 29.05 -4.51
N LYS A 505 -9.76 29.13 -5.41
CA LYS A 505 -11.17 29.39 -5.04
C LYS A 505 -11.61 28.33 -4.03
N VAL A 506 -11.34 27.06 -4.34
CA VAL A 506 -11.82 25.95 -3.47
C VAL A 506 -11.12 26.02 -2.12
N LEU A 507 -9.81 26.17 -2.11
CA LEU A 507 -9.08 26.20 -0.83
C LEU A 507 -9.51 27.38 0.04
N ASN A 508 -9.85 28.49 -0.60
CA ASN A 508 -10.27 29.70 0.16
C ASN A 508 -11.68 29.55 0.69
N SER A 509 -12.52 28.71 0.05
CA SER A 509 -13.93 28.49 0.46
C SER A 509 -14.04 27.31 1.45
N TRP A 510 -13.04 26.42 1.51
CA TRP A 510 -13.20 25.05 2.06
C TRP A 510 -13.80 25.03 3.46
N GLU A 511 -13.14 25.70 4.41
CA GLU A 511 -13.61 25.64 5.80
C GLU A 511 -14.90 26.45 5.98
N ARG A 512 -15.04 27.58 5.30
CA ARG A 512 -16.29 28.38 5.42
C ARG A 512 -17.48 27.51 5.00
N LEU A 513 -17.32 26.69 3.95
CA LEU A 513 -18.46 25.86 3.49
C LEU A 513 -18.79 24.73 4.45
N GLY A 514 -17.84 24.32 5.29
CA GLY A 514 -18.08 23.29 6.32
C GLY A 514 -17.24 22.04 6.11
N PHE A 515 -16.23 22.07 5.29
CA PHE A 515 -15.30 20.92 5.09
C PHE A 515 -14.21 20.98 6.14
N LYS A 516 -13.53 19.87 6.34
CA LYS A 516 -12.52 19.73 7.41
C LYS A 516 -11.26 20.46 6.97
N LYS A 517 -10.61 21.20 7.89
CA LYS A 517 -9.29 21.84 7.62
C LYS A 517 -8.31 20.91 6.88
N GLU B 21 -40.42 6.79 1.67
CA GLU B 21 -39.57 5.67 1.16
C GLU B 21 -38.19 5.72 1.80
N PRO B 22 -37.62 4.57 2.13
CA PRO B 22 -36.33 4.54 2.82
C PRO B 22 -35.17 4.89 1.88
N PRO B 23 -34.03 5.30 2.45
CA PRO B 23 -32.90 5.76 1.66
C PRO B 23 -32.43 4.78 0.58
N HIS B 24 -32.50 3.46 0.77
CA HIS B 24 -32.04 2.51 -0.28
C HIS B 24 -33.01 2.47 -1.47
N LEU B 25 -34.23 3.01 -1.33
CA LEU B 25 -35.25 2.95 -2.42
C LEU B 25 -35.56 4.31 -2.99
N SER B 26 -34.95 5.39 -2.50
CA SER B 26 -35.19 6.76 -2.99
C SER B 26 -33.92 7.58 -2.88
N PHE B 27 -33.46 8.12 -4.01
CA PHE B 27 -32.27 8.99 -3.97
C PHE B 27 -32.54 10.19 -3.08
N ARG B 28 -33.72 10.80 -3.17
CA ARG B 28 -34.00 11.97 -2.32
C ARG B 28 -33.93 11.60 -0.83
N SER B 29 -34.45 10.43 -0.43
CA SER B 29 -34.37 9.93 0.95
C SER B 29 -32.89 9.74 1.33
N PHE B 30 -32.12 9.16 0.39
CA PHE B 30 -30.67 8.90 0.62
C PHE B 30 -29.97 10.23 0.91
N VAL B 31 -30.24 11.27 0.17
CA VAL B 31 -29.62 12.60 0.42
C VAL B 31 -29.97 13.04 1.84
N ASN B 32 -31.21 12.87 2.25
CA ASN B 32 -31.60 13.23 3.63
C ASN B 32 -30.90 12.34 4.66
N ALA B 33 -30.71 11.05 4.38
CA ALA B 33 -29.98 10.13 5.26
C ALA B 33 -28.55 10.63 5.45
N LEU B 34 -27.91 11.06 4.36
CA LEU B 34 -26.52 11.57 4.50
C LEU B 34 -26.53 12.84 5.36
N ARG B 35 -27.50 13.73 5.17
CA ARG B 35 -27.62 14.95 6.00
C ARG B 35 -27.77 14.54 7.47
N GLN B 36 -28.65 13.59 7.77
CA GLN B 36 -28.89 13.11 9.16
C GLN B 36 -27.61 12.52 9.76
N ASP B 37 -26.80 11.80 8.97
CA ASP B 37 -25.54 11.17 9.42
C ASP B 37 -24.43 12.21 9.63
N GLY B 38 -24.62 13.47 9.29
CA GLY B 38 -23.52 14.44 9.35
C GLY B 38 -22.50 14.14 8.25
N ASP B 39 -22.97 13.65 7.11
CA ASP B 39 -22.11 13.22 5.99
C ASP B 39 -22.46 14.00 4.73
N LEU B 40 -23.01 15.20 4.85
CA LEU B 40 -23.35 16.01 3.66
C LEU B 40 -23.19 17.49 3.97
N VAL B 41 -22.59 18.24 3.07
CA VAL B 41 -22.53 19.71 3.16
C VAL B 41 -23.53 20.29 2.15
N ASP B 42 -24.48 21.12 2.63
CA ASP B 42 -25.37 21.91 1.76
C ASP B 42 -24.62 23.14 1.33
N ILE B 43 -24.22 23.22 0.08
CA ILE B 43 -23.50 24.40 -0.44
C ILE B 43 -24.56 25.26 -1.08
N ASN B 44 -24.82 26.41 -0.46
CA ASN B 44 -25.84 27.36 -0.93
C ASN B 44 -25.21 28.55 -1.63
N GLU B 45 -23.90 28.72 -1.53
CA GLU B 45 -23.15 29.67 -2.33
C GLU B 45 -23.17 29.21 -3.79
N PRO B 46 -23.01 30.13 -4.74
CA PRO B 46 -22.97 29.78 -6.16
C PRO B 46 -21.68 29.00 -6.48
N VAL B 47 -21.84 27.86 -7.17
CA VAL B 47 -20.67 27.08 -7.60
C VAL B 47 -20.77 26.89 -9.09
N ASP B 48 -19.67 27.07 -9.79
CA ASP B 48 -19.64 26.94 -11.25
C ASP B 48 -19.64 25.45 -11.62
N PRO B 49 -20.55 24.96 -12.48
CA PRO B 49 -20.45 23.57 -12.96
C PRO B 49 -19.24 23.42 -13.89
N ASP B 50 -18.68 24.48 -14.42
CA ASP B 50 -17.43 24.44 -15.22
C ASP B 50 -16.27 24.36 -14.21
N LEU B 51 -15.87 23.14 -13.90
CA LEU B 51 -14.69 22.74 -13.07
C LEU B 51 -14.86 22.92 -11.57
N GLU B 52 -15.51 23.99 -11.09
CA GLU B 52 -15.48 24.28 -9.63
C GLU B 52 -16.19 23.21 -8.83
N ALA B 53 -17.37 22.76 -9.27
CA ALA B 53 -18.12 21.74 -8.56
C ALA B 53 -17.28 20.44 -8.48
N ALA B 54 -16.67 20.08 -9.60
CA ALA B 54 -15.86 18.85 -9.68
C ALA B 54 -14.58 18.99 -8.89
N ALA B 55 -13.99 20.20 -8.81
CA ALA B 55 -12.77 20.40 -8.01
C ALA B 55 -13.10 20.21 -6.56
N ILE B 56 -14.20 20.79 -6.04
CA ILE B 56 -14.65 20.55 -4.66
C ILE B 56 -14.80 19.04 -4.42
N THR B 57 -15.53 18.39 -5.32
CA THR B 57 -15.84 16.95 -5.20
C THR B 57 -14.54 16.13 -5.19
N ARG B 58 -13.65 16.47 -6.11
CA ARG B 58 -12.33 15.79 -6.16
C ARG B 58 -11.63 15.89 -4.83
N LEU B 59 -11.57 17.09 -4.25
CA LEU B 59 -10.85 17.26 -2.98
C LEU B 59 -11.60 16.51 -1.86
N VAL B 60 -12.93 16.46 -1.85
CA VAL B 60 -13.66 15.62 -0.89
C VAL B 60 -13.19 14.15 -1.04
N CYS B 61 -13.10 13.67 -2.28
CA CYS B 61 -12.70 12.25 -2.53
C CYS B 61 -11.28 11.99 -2.03
N GLU B 62 -10.39 12.95 -2.21
CA GLU B 62 -8.99 12.74 -1.87
C GLU B 62 -8.81 12.83 -0.36
N THR B 63 -9.75 13.42 0.37
CA THR B 63 -9.61 13.60 1.83
C THR B 63 -10.72 12.90 2.61
N ASP B 64 -11.57 12.09 1.95
CA ASP B 64 -12.65 11.35 2.63
C ASP B 64 -13.55 12.30 3.41
N ASP B 65 -13.93 13.45 2.83
CA ASP B 65 -14.81 14.39 3.58
C ASP B 65 -16.27 14.11 3.24
N LYS B 66 -17.17 14.92 3.78
CA LYS B 66 -18.62 14.85 3.56
C LYS B 66 -18.97 15.07 2.09
N ALA B 67 -20.04 14.43 1.63
CA ALA B 67 -20.53 14.59 0.25
C ALA B 67 -20.98 16.02 0.05
N PRO B 68 -20.58 16.69 -1.04
CA PRO B 68 -21.03 18.04 -1.34
C PRO B 68 -22.36 18.02 -2.10
N LEU B 69 -23.36 18.75 -1.60
CA LEU B 69 -24.63 18.98 -2.34
C LEU B 69 -24.63 20.42 -2.82
N PHE B 70 -24.51 20.64 -4.12
CA PHE B 70 -24.47 21.98 -4.72
C PHE B 70 -25.91 22.39 -5.00
N ASN B 71 -26.45 23.21 -4.10
CA ASN B 71 -27.85 23.70 -4.18
C ASN B 71 -27.95 24.92 -5.10
N ASN B 72 -26.86 25.53 -5.51
CA ASN B 72 -26.84 26.80 -6.27
C ASN B 72 -25.77 26.65 -7.33
N VAL B 73 -26.13 25.89 -8.38
CA VAL B 73 -25.25 25.66 -9.55
C VAL B 73 -25.43 26.82 -10.52
N ILE B 74 -24.35 27.50 -10.88
CA ILE B 74 -24.39 28.64 -11.82
C ILE B 74 -24.96 28.13 -13.14
N GLY B 75 -26.01 28.80 -13.66
CA GLY B 75 -26.59 28.44 -14.97
C GLY B 75 -27.79 27.54 -14.77
N ALA B 76 -28.14 27.14 -13.56
CA ALA B 76 -29.32 26.31 -13.32
C ALA B 76 -30.56 27.15 -13.63
N LYS B 77 -31.51 26.54 -14.33
CA LYS B 77 -32.77 27.18 -14.84
C LYS B 77 -33.87 26.12 -14.85
N ASP B 78 -35.13 26.53 -14.61
CA ASP B 78 -36.31 25.65 -14.83
C ASP B 78 -36.23 24.43 -13.91
N GLY B 79 -35.49 24.48 -12.81
CA GLY B 79 -35.34 23.32 -11.91
C GLY B 79 -34.24 22.33 -12.32
N LEU B 80 -33.46 22.65 -13.35
CA LEU B 80 -32.30 21.81 -13.74
C LEU B 80 -31.04 22.63 -13.52
N TRP B 81 -30.18 22.20 -12.58
CA TRP B 81 -30.33 21.15 -11.60
C TRP B 81 -29.34 21.45 -10.46
N ARG B 82 -29.55 20.81 -9.33
CA ARG B 82 -28.60 20.73 -8.21
C ARG B 82 -27.61 19.61 -8.55
N ILE B 83 -26.48 19.55 -7.89
CA ILE B 83 -25.54 18.41 -8.13
C ILE B 83 -25.15 17.80 -6.80
N LEU B 84 -25.13 16.47 -6.68
CA LEU B 84 -24.52 15.78 -5.54
C LEU B 84 -23.21 15.16 -6.01
N GLY B 85 -22.12 15.61 -5.45
CA GLY B 85 -20.81 14.98 -5.72
C GLY B 85 -20.54 13.85 -4.76
N ALA B 86 -19.63 12.93 -5.12
CA ALA B 86 -19.08 11.91 -4.22
C ALA B 86 -20.19 11.08 -3.57
N PRO B 87 -21.16 10.59 -4.38
CA PRO B 87 -22.28 9.86 -3.78
C PRO B 87 -21.91 8.54 -3.10
N ALA B 88 -20.77 7.90 -3.46
CA ALA B 88 -20.40 6.60 -2.85
C ALA B 88 -18.90 6.55 -2.53
N SER B 89 -18.36 7.68 -2.15
CA SER B 89 -16.97 7.77 -1.69
C SER B 89 -16.87 7.49 -0.18
N LEU B 90 -15.66 7.57 0.39
CA LEU B 90 -15.41 7.07 1.75
C LEU B 90 -15.58 8.19 2.78
N ARG B 91 -15.95 7.80 3.98
CA ARG B 91 -15.93 8.67 5.17
C ARG B 91 -14.60 8.54 5.90
N SER B 92 -14.26 9.59 6.66
CA SER B 92 -12.89 9.64 7.27
C SER B 92 -12.87 8.79 8.53
N SER B 93 -13.97 8.69 9.26
CA SER B 93 -14.01 7.90 10.53
C SER B 93 -13.81 6.43 10.23
N PRO B 94 -12.75 5.81 10.78
CA PRO B 94 -12.46 4.39 10.55
C PRO B 94 -13.68 3.45 10.76
N LYS B 95 -14.49 3.75 11.77
CA LYS B 95 -15.63 2.88 12.18
C LYS B 95 -16.80 3.00 11.21
N GLU B 96 -16.83 4.01 10.36
N GLU B 96 -16.90 4.07 10.41
CA GLU B 96 -17.96 4.25 9.42
CA GLU B 96 -17.99 4.26 9.40
C GLU B 96 -17.41 4.53 8.02
C GLU B 96 -17.40 4.53 8.02
N ARG B 97 -16.22 3.99 7.73
CA ARG B 97 -15.50 4.27 6.46
C ARG B 97 -16.42 4.05 5.23
N PHE B 98 -17.20 2.99 5.24
CA PHE B 98 -18.09 2.60 4.11
C PHE B 98 -19.52 3.06 4.32
N GLY B 99 -19.76 4.00 5.22
CA GLY B 99 -21.12 4.38 5.60
C GLY B 99 -21.94 4.88 4.43
N ARG B 100 -21.34 5.61 3.51
CA ARG B 100 -22.10 6.21 2.37
C ARG B 100 -22.54 5.08 1.44
N LEU B 101 -21.74 4.04 1.28
CA LEU B 101 -22.13 2.84 0.54
C LEU B 101 -23.21 2.09 1.32
N ALA B 102 -23.04 1.95 2.62
CA ALA B 102 -24.01 1.19 3.44
C ALA B 102 -25.37 1.88 3.32
N ARG B 103 -25.44 3.21 3.26
CA ARG B 103 -26.71 3.93 3.11
C ARG B 103 -27.36 3.71 1.73
N HIS B 104 -26.64 3.16 0.75
CA HIS B 104 -27.27 2.74 -0.53
C HIS B 104 -28.10 1.46 -0.35
N LEU B 105 -27.86 0.69 0.73
CA LEU B 105 -28.25 -0.73 0.79
C LEU B 105 -28.96 -1.15 2.09
N ALA B 106 -29.47 -0.20 2.86
CA ALA B 106 -30.23 -0.50 4.10
C ALA B 106 -29.31 -1.23 5.06
N LEU B 107 -28.03 -0.90 5.08
CA LEU B 107 -27.05 -1.44 6.04
C LEU B 107 -26.69 -0.34 7.02
N PRO B 108 -26.22 -0.68 8.23
CA PRO B 108 -25.79 0.34 9.19
C PRO B 108 -24.53 1.03 8.68
N PRO B 109 -24.27 2.28 9.11
CA PRO B 109 -23.09 3.03 8.65
C PRO B 109 -21.76 2.40 9.07
N THR B 110 -21.76 1.52 10.06
CA THR B 110 -20.58 0.75 10.54
C THR B 110 -20.35 -0.51 9.69
N ALA B 111 -21.15 -0.74 8.66
CA ALA B 111 -21.02 -1.98 7.85
C ALA B 111 -19.62 -2.08 7.25
N SER B 112 -19.10 -3.29 7.23
CA SER B 112 -17.78 -3.63 6.63
C SER B 112 -17.94 -3.68 5.11
N ALA B 113 -16.82 -3.63 4.40
CA ALA B 113 -16.83 -3.84 2.93
C ALA B 113 -17.42 -5.23 2.63
N LYS B 114 -17.05 -6.23 3.44
CA LYS B 114 -17.58 -7.60 3.27
C LYS B 114 -19.10 -7.60 3.44
N ASP B 115 -19.63 -6.85 4.39
CA ASP B 115 -21.10 -6.81 4.60
C ASP B 115 -21.78 -6.26 3.35
N ILE B 116 -21.17 -5.25 2.73
CA ILE B 116 -21.71 -4.62 1.49
C ILE B 116 -21.71 -5.62 0.34
N LEU B 117 -20.59 -6.25 0.09
CA LEU B 117 -20.46 -7.20 -1.05
C LEU B 117 -21.33 -8.43 -0.79
N ASP B 118 -21.34 -8.94 0.42
CA ASP B 118 -22.22 -10.10 0.73
C ASP B 118 -23.66 -9.69 0.43
N LYS B 119 -24.07 -8.46 0.78
CA LYS B 119 -25.47 -8.04 0.54
C LYS B 119 -25.72 -8.01 -0.98
N MET B 120 -24.80 -7.48 -1.78
CA MET B 120 -24.97 -7.40 -3.23
C MET B 120 -25.03 -8.82 -3.85
N LEU B 121 -24.32 -9.80 -3.27
CA LEU B 121 -24.30 -11.20 -3.77
C LEU B 121 -25.56 -11.91 -3.30
N SER B 122 -26.22 -11.44 -2.26
CA SER B 122 -27.36 -12.15 -1.62
C SER B 122 -28.40 -12.51 -2.66
N ALA B 123 -28.64 -11.68 -3.69
CA ALA B 123 -29.71 -11.92 -4.71
C ALA B 123 -29.32 -12.96 -5.78
N ASN B 124 -28.13 -13.51 -5.86
CA ASN B 124 -28.01 -14.49 -6.98
C ASN B 124 -28.33 -15.90 -6.45
N SER B 125 -28.83 -16.01 -5.23
CA SER B 125 -29.30 -17.31 -4.66
C SER B 125 -30.71 -17.19 -4.06
N ILE B 126 -31.49 -16.16 -4.44
CA ILE B 126 -32.94 -16.10 -4.12
C ILE B 126 -33.69 -15.67 -5.36
N PRO B 127 -34.98 -15.99 -5.49
CA PRO B 127 -35.72 -15.55 -6.68
C PRO B 127 -35.70 -14.03 -6.76
N PRO B 128 -35.71 -13.52 -8.00
CA PRO B 128 -35.88 -12.10 -8.24
C PRO B 128 -37.21 -11.63 -7.64
N ILE B 129 -37.27 -10.40 -7.16
CA ILE B 129 -38.53 -9.69 -6.84
C ILE B 129 -38.75 -8.72 -7.99
N GLU B 130 -39.69 -9.04 -8.85
CA GLU B 130 -39.98 -8.29 -10.09
C GLU B 130 -40.50 -6.90 -9.75
N PRO B 131 -40.18 -5.90 -10.57
CA PRO B 131 -40.64 -4.55 -10.34
C PRO B 131 -42.16 -4.49 -10.45
N VAL B 132 -42.74 -3.44 -9.90
CA VAL B 132 -44.19 -3.18 -10.06
C VAL B 132 -44.35 -1.86 -10.78
N ILE B 133 -45.38 -1.76 -11.59
CA ILE B 133 -45.66 -0.59 -12.45
C ILE B 133 -46.57 0.34 -11.68
N VAL B 134 -46.29 1.61 -11.68
CA VAL B 134 -47.15 2.69 -11.14
C VAL B 134 -47.45 3.65 -12.28
N PRO B 135 -48.62 4.32 -12.27
CA PRO B 135 -48.97 5.18 -13.38
C PRO B 135 -48.20 6.50 -13.46
N THR B 136 -47.61 6.91 -12.35
CA THR B 136 -46.86 8.18 -12.31
C THR B 136 -45.92 8.15 -11.10
N GLY B 137 -45.16 9.20 -10.97
CA GLY B 137 -44.28 9.38 -9.81
C GLY B 137 -43.61 10.72 -9.89
N PRO B 138 -42.76 11.05 -8.89
CA PRO B 138 -42.10 12.35 -8.84
C PRO B 138 -41.30 12.72 -10.11
N VAL B 139 -40.73 11.69 -10.78
CA VAL B 139 -39.94 11.92 -12.02
C VAL B 139 -40.79 12.54 -13.13
N LYS B 140 -42.14 12.51 -13.02
CA LYS B 140 -43.05 13.11 -14.01
C LYS B 140 -43.48 14.53 -13.60
N GLU B 141 -42.86 15.14 -12.58
CA GLU B 141 -43.32 16.48 -12.11
C GLU B 141 -43.08 17.56 -13.15
N ASN B 142 -42.07 17.43 -14.02
CA ASN B 142 -41.64 18.45 -15.00
C ASN B 142 -41.20 17.76 -16.27
N SER B 143 -41.30 18.45 -17.38
CA SER B 143 -40.75 17.92 -18.64
C SER B 143 -40.31 19.01 -19.61
N ILE B 144 -39.37 18.63 -20.47
CA ILE B 144 -38.88 19.42 -21.62
C ILE B 144 -38.87 18.44 -22.79
N GLU B 145 -39.45 18.80 -23.94
CA GLU B 145 -39.63 17.81 -25.05
C GLU B 145 -39.13 18.37 -26.37
N GLY B 146 -38.58 17.48 -27.20
CA GLY B 146 -38.31 17.76 -28.62
C GLY B 146 -37.46 18.98 -28.78
N GLU B 147 -37.86 19.91 -29.65
CA GLU B 147 -37.06 21.09 -30.04
C GLU B 147 -36.85 22.01 -28.83
N ASN B 148 -37.59 21.86 -27.72
CA ASN B 148 -37.32 22.72 -26.55
C ASN B 148 -36.05 22.23 -25.83
N ILE B 149 -35.60 21.02 -26.11
CA ILE B 149 -34.37 20.50 -25.43
C ILE B 149 -33.14 21.14 -26.03
N ASP B 150 -32.29 21.70 -25.13
CA ASP B 150 -30.93 22.15 -25.53
C ASP B 150 -29.95 21.67 -24.47
N LEU B 151 -29.33 20.52 -24.72
CA LEU B 151 -28.42 19.92 -23.71
C LEU B 151 -27.20 20.80 -23.48
N GLU B 152 -26.82 21.63 -24.45
CA GLU B 152 -25.64 22.52 -24.32
C GLU B 152 -25.94 23.66 -23.37
N ALA B 153 -27.22 23.97 -23.11
CA ALA B 153 -27.64 25.10 -22.24
C ALA B 153 -27.85 24.64 -20.81
N LEU B 154 -27.78 23.35 -20.53
CA LEU B 154 -27.98 22.81 -19.17
C LEU B 154 -26.63 22.86 -18.48
N PRO B 155 -26.66 22.94 -17.14
CA PRO B 155 -25.43 23.07 -16.36
C PRO B 155 -24.69 21.73 -16.12
N ALA B 156 -24.42 21.04 -17.24
CA ALA B 156 -23.66 19.78 -17.17
C ALA B 156 -22.25 20.12 -16.74
N PRO B 157 -21.66 19.31 -15.85
CA PRO B 157 -20.35 19.66 -15.33
C PRO B 157 -19.18 19.39 -16.27
N MET B 158 -18.20 20.28 -16.24
CA MET B 158 -16.87 19.98 -16.76
C MET B 158 -16.14 19.37 -15.58
N VAL B 159 -15.88 18.07 -15.65
CA VAL B 159 -15.45 17.27 -14.47
C VAL B 159 -13.92 17.35 -14.31
N HIS B 160 -13.15 17.50 -15.38
CA HIS B 160 -11.67 17.62 -15.35
C HIS B 160 -11.30 18.60 -16.45
N GLN B 161 -10.26 19.40 -16.27
CA GLN B 161 -10.00 20.50 -17.22
C GLN B 161 -9.70 20.00 -18.64
N SER B 162 -9.14 18.80 -18.81
CA SER B 162 -8.71 18.27 -20.13
C SER B 162 -9.73 17.29 -20.66
N ASP B 163 -10.93 17.25 -20.07
CA ASP B 163 -11.97 16.37 -20.65
C ASP B 163 -12.41 16.90 -22.01
N GLY B 164 -12.89 16.00 -22.85
CA GLY B 164 -13.33 16.38 -24.21
C GLY B 164 -14.73 16.96 -24.25
N GLY B 165 -15.43 17.06 -23.15
CA GLY B 165 -16.78 17.61 -23.11
C GLY B 165 -17.29 17.59 -21.71
N LYS B 166 -18.55 17.96 -21.56
CA LYS B 166 -19.22 18.04 -20.25
C LYS B 166 -19.86 16.69 -19.95
N TYR B 167 -19.32 15.97 -18.99
CA TYR B 167 -19.76 14.61 -18.63
C TYR B 167 -20.96 14.71 -17.70
N ILE B 168 -22.11 14.98 -18.33
CA ILE B 168 -23.43 14.89 -17.66
C ILE B 168 -23.62 13.54 -17.01
N GLN B 169 -23.09 12.46 -17.62
CA GLN B 169 -23.38 11.07 -17.20
C GLN B 169 -22.12 10.45 -16.60
N THR B 170 -22.02 10.49 -15.29
CA THR B 170 -21.02 9.78 -14.48
C THR B 170 -21.67 8.88 -13.43
N TYR B 171 -22.97 9.02 -13.13
CA TYR B 171 -23.58 8.22 -12.04
C TYR B 171 -25.08 7.99 -12.26
N GLY B 172 -25.51 8.02 -13.50
CA GLY B 172 -26.84 7.57 -13.87
C GLY B 172 -26.83 6.18 -14.45
N MET B 173 -28.03 5.66 -14.61
CA MET B 173 -28.36 4.30 -15.03
C MET B 173 -28.87 4.30 -16.47
N HIS B 174 -28.15 3.72 -17.40
CA HIS B 174 -28.64 3.43 -18.76
C HIS B 174 -29.60 2.24 -18.68
N VAL B 175 -30.74 2.42 -19.32
CA VAL B 175 -31.81 1.40 -19.44
C VAL B 175 -31.90 1.06 -20.93
N ILE B 176 -31.70 -0.23 -21.20
CA ILE B 176 -31.77 -0.69 -22.61
C ILE B 176 -32.27 -2.13 -22.60
N GLN B 177 -33.10 -2.46 -23.61
CA GLN B 177 -33.75 -3.78 -23.65
C GLN B 177 -33.38 -4.52 -24.92
N SER B 178 -33.25 -5.83 -24.80
CA SER B 178 -32.90 -6.72 -25.90
C SER B 178 -34.05 -6.75 -26.91
N PRO B 179 -33.75 -7.16 -28.15
CA PRO B 179 -34.83 -7.36 -29.14
C PRO B 179 -35.95 -8.31 -28.75
N ASP B 180 -35.68 -9.35 -27.97
CA ASP B 180 -36.79 -10.26 -27.57
C ASP B 180 -37.65 -9.69 -26.45
N GLY B 181 -37.31 -8.54 -25.89
CA GLY B 181 -38.06 -7.89 -24.81
C GLY B 181 -37.82 -8.49 -23.43
N CYS B 182 -37.06 -9.54 -23.33
CA CYS B 182 -36.97 -10.32 -22.06
C CYS B 182 -35.90 -9.75 -21.12
N TRP B 183 -34.87 -9.14 -21.67
CA TRP B 183 -33.73 -8.67 -20.86
C TRP B 183 -33.69 -7.14 -20.94
N THR B 184 -33.95 -6.49 -19.83
CA THR B 184 -33.75 -5.04 -19.67
C THR B 184 -32.52 -4.84 -18.78
N ASN B 185 -31.45 -4.29 -19.36
CA ASN B 185 -30.18 -4.07 -18.62
C ASN B 185 -30.16 -2.68 -18.02
N TRP B 186 -29.64 -2.63 -16.81
CA TRP B 186 -29.33 -1.35 -16.10
C TRP B 186 -27.83 -1.33 -15.85
N SER B 187 -27.18 -0.26 -16.34
CA SER B 187 -25.71 -0.16 -16.16
C SER B 187 -25.29 1.29 -16.17
N ILE B 188 -24.09 1.51 -15.58
CA ILE B 188 -23.39 2.82 -15.63
C ILE B 188 -22.35 2.75 -16.74
N ALA B 189 -22.37 3.71 -17.64
CA ALA B 189 -21.32 3.94 -18.65
C ALA B 189 -21.27 5.43 -18.89
N ARG B 190 -20.08 6.01 -19.01
CA ARG B 190 -19.95 7.48 -19.11
C ARG B 190 -20.60 8.01 -20.38
N ALA B 191 -21.03 9.27 -20.34
CA ALA B 191 -21.46 9.97 -21.56
C ALA B 191 -21.34 11.48 -21.34
N MET B 192 -21.01 12.14 -22.42
CA MET B 192 -20.86 13.59 -22.45
C MET B 192 -21.87 14.23 -23.41
N VAL B 193 -22.18 15.50 -23.18
CA VAL B 193 -23.03 16.25 -24.15
C VAL B 193 -22.26 16.41 -25.45
N SER B 194 -22.92 16.11 -26.56
N SER B 194 -22.89 16.13 -26.58
CA SER B 194 -22.33 16.09 -27.91
CA SER B 194 -22.21 16.27 -27.87
C SER B 194 -22.98 17.11 -28.83
C SER B 194 -22.90 17.32 -28.74
N GLY B 195 -24.15 17.65 -28.45
CA GLY B 195 -24.91 18.57 -29.27
C GLY B 195 -26.19 18.94 -28.59
N LYS B 196 -27.02 19.72 -29.27
CA LYS B 196 -28.29 20.23 -28.75
C LYS B 196 -29.14 19.08 -28.19
N ARG B 197 -29.15 17.94 -28.91
CA ARG B 197 -30.07 16.82 -28.62
C ARG B 197 -29.31 15.53 -28.41
N THR B 198 -27.97 15.56 -28.35
CA THR B 198 -27.20 14.31 -28.38
C THR B 198 -26.20 14.20 -27.24
N LEU B 199 -25.96 12.98 -26.83
CA LEU B 199 -24.81 12.58 -26.02
C LEU B 199 -23.93 11.65 -26.85
N ALA B 200 -22.66 11.55 -26.47
CA ALA B 200 -21.76 10.50 -26.95
C ALA B 200 -21.17 9.82 -25.75
N GLY B 201 -21.09 8.49 -25.78
CA GLY B 201 -20.57 7.78 -24.61
C GLY B 201 -20.00 6.44 -24.95
N LEU B 202 -19.21 5.89 -24.03
CA LEU B 202 -18.57 4.57 -24.25
C LEU B 202 -19.62 3.50 -24.27
N VAL B 203 -19.53 2.65 -25.28
CA VAL B 203 -20.37 1.44 -25.42
C VAL B 203 -19.41 0.33 -25.84
N ILE B 204 -18.72 -0.22 -24.86
CA ILE B 204 -17.53 -1.09 -25.13
C ILE B 204 -17.82 -2.54 -24.85
N SER B 205 -17.21 -3.42 -25.64
CA SER B 205 -17.15 -4.86 -25.31
C SER B 205 -16.34 -5.02 -24.04
N PRO B 206 -16.67 -5.92 -23.11
CA PRO B 206 -17.77 -6.89 -23.17
C PRO B 206 -19.05 -6.49 -22.42
N GLN B 207 -19.28 -5.19 -22.29
CA GLN B 207 -20.37 -4.69 -21.43
C GLN B 207 -21.74 -5.02 -22.03
N HIS B 208 -22.72 -5.12 -21.15
CA HIS B 208 -24.06 -5.52 -21.60
C HIS B 208 -24.69 -4.45 -22.46
N ILE B 209 -24.44 -3.18 -22.25
CA ILE B 209 -25.00 -2.16 -23.16
C ILE B 209 -24.52 -2.44 -24.59
N ARG B 210 -23.25 -2.80 -24.75
CA ARG B 210 -22.71 -3.12 -26.07
C ARG B 210 -23.22 -4.48 -26.60
N LYS B 211 -23.35 -5.48 -25.74
CA LYS B 211 -23.93 -6.74 -26.22
C LYS B 211 -25.32 -6.46 -26.80
N ILE B 212 -26.13 -5.66 -26.08
CA ILE B 212 -27.50 -5.40 -26.58
C ILE B 212 -27.45 -4.51 -27.79
N GLN B 213 -26.61 -3.49 -27.84
CA GLN B 213 -26.50 -2.66 -29.06
C GLN B 213 -26.19 -3.57 -30.27
N ASP B 214 -25.28 -4.52 -30.08
CA ASP B 214 -24.87 -5.40 -31.21
C ASP B 214 -26.04 -6.34 -31.62
N GLN B 215 -26.86 -6.77 -30.69
CA GLN B 215 -28.06 -7.58 -31.04
C GLN B 215 -28.94 -6.73 -31.95
N TRP B 216 -29.22 -5.50 -31.61
CA TRP B 216 -30.06 -4.62 -32.45
C TRP B 216 -29.40 -4.35 -33.80
N ARG B 217 -28.10 -4.11 -33.83
CA ARG B 217 -27.43 -3.83 -35.11
C ARG B 217 -27.61 -5.05 -36.03
N ALA B 218 -27.49 -6.25 -35.50
CA ALA B 218 -27.51 -7.49 -36.32
C ALA B 218 -28.90 -7.66 -36.97
N ILE B 219 -29.98 -7.09 -36.42
CA ILE B 219 -31.32 -7.24 -37.04
C ILE B 219 -31.71 -5.96 -37.79
N GLY B 220 -30.88 -4.93 -37.83
CA GLY B 220 -31.07 -3.79 -38.73
C GLY B 220 -31.78 -2.62 -38.07
N GLN B 221 -31.92 -2.60 -36.75
CA GLN B 221 -32.53 -1.43 -36.04
C GLN B 221 -31.51 -0.29 -35.99
N GLU B 222 -31.88 0.86 -36.51
CA GLU B 222 -31.02 2.06 -36.56
C GLU B 222 -31.03 2.76 -35.20
N GLU B 223 -32.19 2.98 -34.59
CA GLU B 223 -32.33 3.78 -33.35
C GLU B 223 -32.99 2.88 -32.32
N ILE B 224 -32.25 2.49 -31.30
CA ILE B 224 -32.70 1.56 -30.24
C ILE B 224 -33.35 2.34 -29.13
N PRO B 225 -34.57 1.98 -28.68
CA PRO B 225 -35.13 2.65 -27.51
C PRO B 225 -34.17 2.62 -26.31
N TRP B 226 -34.08 3.75 -25.61
CA TRP B 226 -33.13 3.92 -24.51
C TRP B 226 -33.68 4.94 -23.53
N ALA B 227 -33.21 4.82 -22.31
CA ALA B 227 -33.43 5.88 -21.31
C ALA B 227 -32.18 5.94 -20.44
N LEU B 228 -31.98 7.12 -19.86
CA LEU B 228 -30.91 7.31 -18.86
C LEU B 228 -31.54 7.96 -17.64
N ALA B 229 -31.42 7.32 -16.49
CA ALA B 229 -32.10 7.74 -15.25
C ALA B 229 -31.03 8.17 -14.25
N PHE B 230 -31.09 9.44 -13.86
CA PHE B 230 -30.18 10.04 -12.87
C PHE B 230 -30.85 10.04 -11.50
N GLY B 231 -30.09 9.77 -10.42
CA GLY B 231 -30.69 9.80 -9.06
C GLY B 231 -31.72 8.74 -8.93
N VAL B 232 -31.35 7.54 -9.33
CA VAL B 232 -32.17 6.31 -9.17
C VAL B 232 -32.10 5.81 -7.73
N PRO B 233 -32.99 4.89 -7.31
CA PRO B 233 -32.93 4.27 -6.00
C PRO B 233 -31.50 3.78 -5.79
N PRO B 234 -30.86 4.11 -4.66
CA PRO B 234 -29.48 3.74 -4.45
C PRO B 234 -29.20 2.24 -4.64
N THR B 235 -30.11 1.34 -4.27
CA THR B 235 -29.88 -0.10 -4.50
C THR B 235 -29.72 -0.34 -6.02
N ALA B 236 -30.49 0.38 -6.83
CA ALA B 236 -30.47 0.23 -8.29
C ALA B 236 -29.12 0.72 -8.84
N ILE B 237 -28.58 1.85 -8.36
CA ILE B 237 -27.28 2.29 -8.94
C ILE B 237 -26.17 1.32 -8.53
N MET B 238 -26.20 0.69 -7.36
CA MET B 238 -25.19 -0.33 -6.98
C MET B 238 -25.27 -1.54 -7.96
N ALA B 239 -26.48 -2.03 -8.25
CA ALA B 239 -26.60 -3.17 -9.18
C ALA B 239 -26.19 -2.73 -10.60
N SER B 240 -26.44 -1.48 -10.95
CA SER B 240 -26.04 -0.93 -12.29
C SER B 240 -24.50 -1.06 -12.44
N SER B 241 -23.74 -0.99 -11.33
CA SER B 241 -22.27 -1.07 -11.36
C SER B 241 -21.76 -2.50 -11.19
N MET B 242 -22.67 -3.44 -11.00
CA MET B 242 -22.28 -4.85 -10.72
C MET B 242 -22.45 -5.72 -11.97
N PRO B 243 -21.45 -6.56 -12.28
CA PRO B 243 -21.53 -7.46 -13.45
C PRO B 243 -22.32 -8.73 -13.12
N ILE B 244 -23.64 -8.58 -12.94
CA ILE B 244 -24.54 -9.76 -12.78
C ILE B 244 -24.61 -10.42 -14.15
N PRO B 245 -25.11 -11.68 -14.23
CA PRO B 245 -24.96 -12.43 -15.46
C PRO B 245 -25.67 -11.85 -16.70
N ASP B 246 -25.14 -12.22 -17.86
CA ASP B 246 -25.76 -12.01 -19.18
C ASP B 246 -27.22 -12.47 -19.09
N GLY B 247 -28.12 -11.66 -19.60
CA GLY B 247 -29.54 -12.05 -19.74
C GLY B 247 -30.34 -11.82 -18.50
N VAL B 248 -29.74 -11.42 -17.38
CA VAL B 248 -30.46 -11.19 -16.10
C VAL B 248 -30.80 -9.70 -15.97
N SER B 249 -32.07 -9.33 -15.95
CA SER B 249 -32.52 -7.94 -15.79
C SER B 249 -32.22 -7.48 -14.37
N GLU B 250 -31.52 -6.36 -14.25
CA GLU B 250 -31.07 -5.85 -12.94
C GLU B 250 -32.30 -5.57 -12.06
N ALA B 251 -33.44 -5.20 -12.63
CA ALA B 251 -34.59 -4.73 -11.81
C ALA B 251 -35.03 -5.80 -10.79
N GLY B 252 -35.14 -7.06 -11.18
CA GLY B 252 -35.59 -8.12 -10.25
C GLY B 252 -34.48 -8.48 -9.27
N TYR B 253 -33.21 -8.38 -9.68
CA TYR B 253 -32.03 -8.57 -8.80
C TYR B 253 -32.09 -7.49 -7.71
N VAL B 254 -32.34 -6.25 -8.12
CA VAL B 254 -32.41 -5.09 -7.19
C VAL B 254 -33.56 -5.33 -6.19
N GLY B 255 -34.70 -5.81 -6.72
CA GLY B 255 -35.83 -6.09 -5.83
C GLY B 255 -35.41 -7.09 -4.78
N ALA B 256 -34.73 -8.16 -5.17
CA ALA B 256 -34.25 -9.21 -4.24
C ALA B 256 -33.30 -8.63 -3.20
N ILE B 257 -32.42 -7.67 -3.56
CA ILE B 257 -31.49 -7.09 -2.55
C ILE B 257 -32.30 -6.26 -1.55
N ALA B 258 -33.27 -5.50 -2.05
CA ALA B 258 -34.01 -4.47 -1.29
C ALA B 258 -35.10 -5.11 -0.43
N GLY B 259 -35.43 -6.38 -0.68
CA GLY B 259 -36.53 -7.13 -0.04
C GLY B 259 -37.92 -6.70 -0.48
N GLU B 260 -38.05 -5.89 -1.53
CA GLU B 260 -39.37 -5.48 -2.10
C GLU B 260 -39.20 -4.93 -3.51
N PRO B 261 -40.29 -4.77 -4.29
CA PRO B 261 -40.18 -4.33 -5.68
C PRO B 261 -39.71 -2.88 -5.81
N ILE B 262 -38.92 -2.58 -6.86
CA ILE B 262 -38.73 -1.18 -7.31
C ILE B 262 -39.99 -0.80 -8.08
N LYS B 263 -40.55 0.35 -7.75
CA LYS B 263 -41.70 0.92 -8.49
C LYS B 263 -41.17 1.62 -9.74
N LEU B 264 -41.66 1.21 -10.91
CA LEU B 264 -41.24 1.72 -12.24
C LEU B 264 -42.41 2.43 -12.89
N VAL B 265 -42.12 3.48 -13.61
CA VAL B 265 -43.11 4.21 -14.44
C VAL B 265 -42.67 4.04 -15.89
N LYS B 266 -43.59 3.89 -16.82
CA LYS B 266 -43.22 3.87 -18.25
C LYS B 266 -42.73 5.24 -18.68
N CYS B 267 -41.72 5.24 -19.54
CA CYS B 267 -41.31 6.42 -20.30
C CYS B 267 -42.50 6.94 -21.12
N ASP B 268 -42.51 8.24 -21.36
CA ASP B 268 -43.57 8.89 -22.16
C ASP B 268 -43.42 8.58 -23.63
N THR B 269 -42.18 8.49 -24.14
CA THR B 269 -41.89 8.48 -25.59
C THR B 269 -41.35 7.12 -26.05
N ASN B 270 -41.26 6.13 -25.18
CA ASN B 270 -40.93 4.75 -25.61
C ASN B 270 -41.54 3.77 -24.62
N ASN B 271 -41.26 2.47 -24.76
CA ASN B 271 -41.89 1.40 -23.97
C ASN B 271 -40.99 0.93 -22.82
N LEU B 272 -39.91 1.65 -22.56
CA LEU B 272 -39.02 1.32 -21.42
C LEU B 272 -39.60 1.88 -20.14
N TYR B 273 -39.09 1.39 -19.04
CA TYR B 273 -39.54 1.74 -17.69
C TYR B 273 -38.35 2.24 -16.87
N VAL B 274 -38.61 3.25 -16.07
CA VAL B 274 -37.59 3.91 -15.22
C VAL B 274 -38.11 3.98 -13.80
N PRO B 275 -37.25 4.07 -12.79
CA PRO B 275 -37.75 4.21 -11.42
C PRO B 275 -38.55 5.49 -11.29
N ALA B 276 -39.73 5.31 -10.63
CA ALA B 276 -40.77 6.36 -10.54
C ALA B 276 -40.32 7.57 -9.73
N ASN B 277 -39.32 7.38 -8.87
CA ASN B 277 -38.81 8.50 -8.04
C ASN B 277 -37.42 8.93 -8.53
N SER B 278 -37.00 8.54 -9.73
CA SER B 278 -35.72 9.07 -10.29
C SER B 278 -35.71 10.59 -10.22
N GLU B 279 -34.55 11.25 -10.08
CA GLU B 279 -34.45 12.72 -10.13
C GLU B 279 -34.73 13.26 -11.53
N ILE B 280 -34.06 12.70 -12.54
CA ILE B 280 -34.03 13.19 -13.92
C ILE B 280 -33.98 11.98 -14.86
N VAL B 281 -34.81 11.97 -15.89
CA VAL B 281 -34.78 10.88 -16.90
C VAL B 281 -34.65 11.50 -18.27
N LEU B 282 -33.68 11.02 -19.05
CA LEU B 282 -33.59 11.31 -20.47
C LEU B 282 -34.19 10.12 -21.22
N GLU B 283 -35.10 10.41 -22.14
CA GLU B 283 -35.69 9.36 -23.01
C GLU B 283 -35.26 9.60 -24.44
N GLY B 284 -34.91 8.54 -25.18
CA GLY B 284 -34.52 8.70 -26.55
C GLY B 284 -34.07 7.40 -27.16
N THR B 285 -33.00 7.47 -27.94
CA THR B 285 -32.50 6.27 -28.66
C THR B 285 -30.97 6.23 -28.56
N LEU B 286 -30.47 5.03 -28.67
CA LEU B 286 -29.03 4.76 -28.92
C LEU B 286 -28.89 4.33 -30.37
N SER B 287 -28.05 4.97 -31.17
CA SER B 287 -27.84 4.65 -32.57
C SER B 287 -26.99 3.40 -32.71
N THR B 288 -27.25 2.62 -33.75
CA THR B 288 -26.34 1.55 -34.18
C THR B 288 -25.43 2.03 -35.31
N THR B 289 -25.65 3.21 -35.83
CA THR B 289 -24.86 3.72 -36.99
C THR B 289 -24.12 5.00 -36.62
N LYS B 290 -24.77 5.92 -35.95
CA LYS B 290 -24.21 7.30 -35.77
C LYS B 290 -23.12 7.27 -34.69
N MET B 291 -22.02 7.96 -34.99
CA MET B 291 -20.85 8.11 -34.07
C MET B 291 -20.52 9.59 -33.95
N ALA B 292 -19.90 9.93 -32.84
CA ALA B 292 -19.43 11.31 -32.61
C ALA B 292 -18.16 11.21 -31.79
N PRO B 293 -17.32 12.27 -31.84
CA PRO B 293 -16.14 12.32 -30.99
C PRO B 293 -16.52 12.21 -29.49
N GLU B 294 -15.80 11.39 -28.75
CA GLU B 294 -16.07 11.16 -27.32
C GLU B 294 -14.77 11.10 -26.55
N GLY B 295 -14.77 11.70 -25.38
CA GLY B 295 -13.57 11.74 -24.53
C GLY B 295 -12.59 12.80 -25.02
N PRO B 296 -11.41 12.94 -24.38
CA PRO B 296 -10.98 12.08 -23.28
C PRO B 296 -11.74 12.38 -21.99
N PHE B 297 -11.55 11.54 -21.01
CA PHE B 297 -12.20 11.66 -19.69
C PHE B 297 -11.22 11.26 -18.60
N GLY B 298 -11.09 12.06 -17.57
CA GLY B 298 -10.32 11.70 -16.38
C GLY B 298 -10.93 10.46 -15.75
N GLU B 299 -10.21 9.36 -15.70
CA GLU B 299 -10.82 8.04 -15.53
C GLU B 299 -10.35 7.35 -14.26
N MET B 300 -10.88 6.15 -14.08
CA MET B 300 -10.79 5.39 -12.82
C MET B 300 -9.36 5.05 -12.42
N HIS B 301 -8.45 5.05 -13.40
CA HIS B 301 -7.03 4.74 -13.05
C HIS B 301 -6.24 5.97 -12.63
N GLY B 302 -6.80 7.18 -12.72
CA GLY B 302 -6.15 8.42 -12.31
C GLY B 302 -5.58 9.25 -13.44
N TYR B 303 -5.96 9.03 -14.69
CA TYR B 303 -5.33 9.67 -15.85
C TYR B 303 -6.36 10.30 -16.79
N VAL B 304 -5.97 11.40 -17.39
CA VAL B 304 -6.60 11.87 -18.66
C VAL B 304 -5.51 12.11 -19.67
N TYR B 305 -5.76 11.86 -20.92
CA TYR B 305 -4.84 12.10 -22.02
C TYR B 305 -5.41 13.26 -22.83
N PRO B 306 -4.97 14.52 -22.60
CA PRO B 306 -5.52 15.66 -23.32
C PRO B 306 -5.51 15.42 -24.84
N GLY B 307 -6.64 15.76 -25.47
CA GLY B 307 -6.81 15.74 -26.94
C GLY B 307 -7.21 14.39 -27.46
N GLU B 308 -7.19 13.33 -26.64
CA GLU B 308 -7.37 11.95 -27.15
C GLU B 308 -8.86 11.59 -27.17
N SER B 309 -9.57 12.07 -28.17
CA SER B 309 -10.96 11.63 -28.37
C SER B 309 -10.97 10.43 -29.33
N HIS B 310 -12.03 9.63 -29.29
CA HIS B 310 -12.23 8.47 -30.21
C HIS B 310 -13.72 8.45 -30.51
N PRO B 311 -14.14 8.07 -31.74
CA PRO B 311 -15.55 7.96 -32.05
C PRO B 311 -16.25 7.00 -31.07
N ALA B 312 -17.46 7.43 -30.66
CA ALA B 312 -18.35 6.62 -29.80
C ALA B 312 -19.77 6.79 -30.31
N PRO B 313 -20.64 5.83 -29.93
CA PRO B 313 -22.04 5.96 -30.35
C PRO B 313 -22.75 7.20 -29.83
N VAL B 314 -23.78 7.57 -30.59
CA VAL B 314 -24.64 8.74 -30.32
C VAL B 314 -25.95 8.32 -29.69
N TYR B 315 -26.27 8.95 -28.61
CA TYR B 315 -27.58 8.88 -27.95
C TYR B 315 -28.34 10.13 -28.35
N THR B 316 -29.58 10.02 -28.80
CA THR B 316 -30.45 11.16 -29.08
C THR B 316 -31.52 11.28 -28.01
N VAL B 317 -31.71 12.47 -27.49
CA VAL B 317 -32.63 12.74 -26.38
C VAL B 317 -33.87 13.45 -26.95
N ASN B 318 -35.03 12.84 -26.73
CA ASN B 318 -36.33 13.37 -27.26
C ASN B 318 -37.19 13.93 -26.14
N LYS B 319 -37.00 13.53 -24.90
CA LYS B 319 -37.76 14.10 -23.77
C LYS B 319 -36.93 14.01 -22.51
N ILE B 320 -37.07 15.02 -21.66
CA ILE B 320 -36.43 15.01 -20.32
C ILE B 320 -37.59 15.12 -19.35
N THR B 321 -37.72 14.25 -18.38
CA THR B 321 -38.71 14.47 -17.29
C THR B 321 -37.93 14.54 -15.98
N TYR B 322 -38.40 15.31 -15.00
CA TYR B 322 -37.60 15.45 -13.77
C TYR B 322 -38.44 15.89 -12.58
N ARG B 323 -37.96 15.57 -11.41
CA ARG B 323 -38.51 15.99 -10.10
C ARG B 323 -38.37 17.49 -9.92
N ASN B 324 -39.30 18.09 -9.20
CA ASN B 324 -39.05 19.42 -8.60
C ASN B 324 -37.73 19.37 -7.81
N ASN B 325 -36.91 20.41 -7.93
CA ASN B 325 -35.64 20.53 -7.14
C ASN B 325 -34.65 19.41 -7.53
N ALA B 326 -34.72 18.97 -8.78
CA ALA B 326 -33.92 17.83 -9.28
C ALA B 326 -32.43 17.95 -8.92
N ILE B 327 -31.86 16.81 -8.58
CA ILE B 327 -30.41 16.63 -8.27
C ILE B 327 -29.75 15.70 -9.29
N LEU B 328 -28.68 16.14 -9.92
CA LEU B 328 -27.81 15.34 -10.82
C LEU B 328 -26.69 14.80 -9.96
N PRO B 329 -26.51 13.47 -9.82
CA PRO B 329 -25.32 12.94 -9.14
C PRO B 329 -24.11 13.02 -10.09
N MET B 330 -22.94 13.20 -9.47
CA MET B 330 -21.66 13.32 -10.21
C MET B 330 -20.53 12.59 -9.50
N SER B 331 -19.85 11.72 -10.23
CA SER B 331 -18.57 11.09 -9.79
C SER B 331 -17.41 11.84 -10.42
N ALA B 332 -16.63 12.55 -9.60
CA ALA B 332 -15.42 13.26 -10.12
C ALA B 332 -14.26 12.27 -9.98
N CYS B 333 -14.21 11.33 -10.87
CA CYS B 333 -13.34 10.16 -10.64
C CYS B 333 -11.90 10.49 -11.03
N GLY B 334 -11.01 9.66 -10.52
CA GLY B 334 -9.58 9.89 -10.74
C GLY B 334 -8.76 9.15 -9.72
N ARG B 335 -7.81 9.83 -9.11
CA ARG B 335 -6.97 9.26 -8.04
C ARG B 335 -7.83 8.97 -6.80
N LEU B 336 -7.34 8.12 -5.92
CA LEU B 336 -8.10 7.61 -4.77
C LEU B 336 -8.71 8.73 -3.95
N THR B 337 -9.92 8.57 -3.41
CA THR B 337 -10.80 7.41 -3.54
C THR B 337 -12.18 7.91 -3.99
N ASP B 338 -12.71 7.34 -5.04
CA ASP B 338 -14.04 7.73 -5.57
C ASP B 338 -14.81 6.47 -5.94
N GLU B 339 -16.00 6.68 -6.49
CA GLU B 339 -16.94 5.60 -6.85
C GLU B 339 -16.34 4.57 -7.78
N THR B 340 -15.38 4.96 -8.62
CA THR B 340 -14.80 3.96 -9.54
C THR B 340 -13.96 2.95 -8.75
N GLN B 341 -13.42 3.30 -7.59
CA GLN B 341 -12.66 2.32 -6.76
C GLN B 341 -13.54 1.73 -5.65
N THR B 342 -14.55 2.45 -5.17
CA THR B 342 -15.42 1.83 -4.13
C THR B 342 -16.41 0.86 -4.76
N MET B 343 -16.74 1.00 -6.04
CA MET B 343 -17.85 0.22 -6.65
C MET B 343 -17.31 -0.69 -7.77
N ILE B 344 -16.50 -0.25 -8.70
CA ILE B 344 -16.27 -1.04 -9.93
C ILE B 344 -15.48 -2.28 -9.57
N GLY B 345 -14.28 -2.12 -9.04
CA GLY B 345 -13.42 -3.29 -8.78
C GLY B 345 -13.99 -4.13 -7.66
N THR B 346 -14.64 -3.53 -6.71
CA THR B 346 -15.16 -4.25 -5.53
C THR B 346 -16.32 -5.16 -5.94
N LEU B 347 -17.23 -4.66 -6.76
CA LEU B 347 -18.38 -5.47 -7.18
C LEU B 347 -17.89 -6.50 -8.18
N ALA B 348 -16.91 -6.21 -9.01
CA ALA B 348 -16.28 -7.24 -9.86
C ALA B 348 -15.68 -8.32 -8.95
N ALA B 349 -14.98 -7.97 -7.88
CA ALA B 349 -14.37 -8.98 -6.99
C ALA B 349 -15.46 -9.89 -6.44
N ALA B 350 -16.58 -9.34 -6.01
CA ALA B 350 -17.72 -10.14 -5.49
C ALA B 350 -18.13 -11.19 -6.54
N GLU B 351 -18.29 -10.79 -7.77
CA GLU B 351 -18.72 -11.74 -8.82
C GLU B 351 -17.59 -12.71 -9.12
N ILE B 352 -16.32 -12.29 -9.08
CA ILE B 352 -15.17 -13.20 -9.31
C ILE B 352 -15.17 -14.27 -8.22
N ARG B 353 -15.46 -13.92 -6.98
CA ARG B 353 -15.54 -14.93 -5.90
C ARG B 353 -16.57 -15.99 -6.28
N GLN B 354 -17.73 -15.58 -6.75
CA GLN B 354 -18.83 -16.56 -7.02
C GLN B 354 -18.44 -17.37 -8.23
N LEU B 355 -17.89 -16.79 -9.27
CA LEU B 355 -17.41 -17.52 -10.46
C LEU B 355 -16.44 -18.59 -10.00
N CYS B 356 -15.48 -18.27 -9.17
CA CYS B 356 -14.49 -19.28 -8.73
C CYS B 356 -15.18 -20.38 -7.95
N GLN B 357 -16.16 -20.07 -7.12
CA GLN B 357 -16.89 -21.10 -6.34
C GLN B 357 -17.66 -22.01 -7.29
N ARG B 358 -18.29 -21.46 -8.30
CA ARG B 358 -19.04 -22.33 -9.28
C ARG B 358 -18.05 -23.24 -9.99
N ALA B 359 -16.82 -22.80 -10.22
CA ALA B 359 -15.78 -23.59 -10.91
C ALA B 359 -15.20 -24.64 -9.96
N GLY B 360 -15.60 -24.62 -8.68
CA GLY B 360 -15.11 -25.57 -7.69
C GLY B 360 -13.76 -25.22 -7.12
N LEU B 361 -13.32 -23.98 -7.30
CA LEU B 361 -12.06 -23.54 -6.70
C LEU B 361 -12.32 -23.17 -5.25
N PRO B 362 -11.31 -23.36 -4.36
CA PRO B 362 -11.52 -23.16 -2.93
C PRO B 362 -11.37 -21.70 -2.50
N ILE B 363 -12.17 -20.83 -3.10
CA ILE B 363 -12.12 -19.37 -2.78
C ILE B 363 -13.24 -19.03 -1.83
N THR B 364 -12.99 -18.31 -0.74
CA THR B 364 -14.03 -17.94 0.24
C THR B 364 -14.42 -16.49 0.15
N ASP B 365 -13.55 -15.68 -0.42
N ASP B 365 -13.49 -15.62 -0.23
CA ASP B 365 -13.78 -14.22 -0.32
CA ASP B 365 -13.67 -14.14 -0.17
C ASP B 365 -12.86 -13.51 -1.31
C ASP B 365 -12.86 -13.51 -1.31
N ALA B 366 -13.24 -12.30 -1.67
CA ALA B 366 -12.48 -11.53 -2.66
C ALA B 366 -12.70 -10.05 -2.42
N PHE B 367 -11.69 -9.24 -2.67
CA PHE B 367 -11.83 -7.78 -2.59
C PHE B 367 -10.87 -7.17 -3.58
N ALA B 368 -11.12 -5.92 -3.96
CA ALA B 368 -10.26 -5.15 -4.88
C ALA B 368 -9.49 -4.15 -4.03
N PRO B 369 -8.23 -4.43 -3.65
CA PRO B 369 -7.46 -3.51 -2.82
C PRO B 369 -7.40 -2.12 -3.44
N PHE B 370 -7.54 -1.10 -2.60
CA PHE B 370 -7.53 0.28 -3.10
C PHE B 370 -6.18 0.61 -3.75
N VAL B 371 -5.09 0.08 -3.19
CA VAL B 371 -3.73 0.31 -3.73
C VAL B 371 -3.66 -0.10 -5.19
N GLY B 372 -4.45 -1.09 -5.61
CA GLY B 372 -4.37 -1.57 -7.00
C GLY B 372 -5.08 -0.71 -8.01
N GLN B 373 -5.70 0.40 -7.58
CA GLN B 373 -6.36 1.32 -8.53
C GLN B 373 -7.37 0.60 -9.44
N ALA B 374 -8.18 -0.24 -8.81
CA ALA B 374 -9.26 -1.01 -9.47
C ALA B 374 -8.74 -1.95 -10.57
N THR B 375 -7.46 -2.37 -10.48
CA THR B 375 -6.92 -3.36 -11.40
C THR B 375 -6.52 -4.62 -10.68
N TRP B 376 -6.60 -4.67 -9.36
CA TRP B 376 -6.19 -5.84 -8.55
C TRP B 376 -7.40 -6.45 -7.86
N VAL B 377 -7.42 -7.79 -7.80
CA VAL B 377 -8.34 -8.50 -6.88
C VAL B 377 -7.55 -9.49 -6.08
N ALA B 378 -7.74 -9.51 -4.77
CA ALA B 378 -7.19 -10.50 -3.86
C ALA B 378 -8.25 -11.56 -3.57
N LEU B 379 -7.85 -12.83 -3.69
CA LEU B 379 -8.74 -13.99 -3.49
C LEU B 379 -8.27 -14.74 -2.27
N LYS B 380 -9.16 -14.88 -1.30
CA LYS B 380 -8.91 -15.62 -0.04
C LYS B 380 -9.16 -17.11 -0.28
N VAL B 381 -8.20 -17.95 0.05
CA VAL B 381 -8.26 -19.41 -0.17
C VAL B 381 -8.59 -20.12 1.13
N ASP B 382 -9.52 -21.07 1.05
CA ASP B 382 -9.76 -22.05 2.14
C ASP B 382 -8.66 -23.10 2.12
N THR B 383 -7.66 -22.94 2.99
CA THR B 383 -6.39 -23.71 2.89
C THR B 383 -6.63 -25.18 3.30
N HIS B 384 -7.57 -25.43 4.17
CA HIS B 384 -7.96 -26.84 4.48
C HIS B 384 -8.45 -27.58 3.23
N ARG B 385 -9.36 -26.92 2.51
CA ARG B 385 -9.85 -27.47 1.24
C ARG B 385 -8.73 -27.57 0.22
N LEU B 386 -7.85 -26.55 0.15
CA LEU B 386 -6.75 -26.55 -0.81
C LEU B 386 -5.87 -27.79 -0.54
N ARG B 387 -5.53 -28.04 0.71
CA ARG B 387 -4.60 -29.16 1.05
C ARG B 387 -5.22 -30.48 0.59
N ALA B 388 -6.54 -30.58 0.68
CA ALA B 388 -7.22 -31.82 0.24
C ALA B 388 -7.01 -32.10 -1.25
N MET B 389 -6.80 -31.06 -2.08
N MET B 389 -6.78 -31.05 -2.03
CA MET B 389 -6.56 -31.17 -3.54
CA MET B 389 -6.57 -31.13 -3.50
C MET B 389 -5.14 -31.66 -3.87
C MET B 389 -5.17 -31.65 -3.85
N LYS B 390 -4.19 -31.59 -2.93
CA LYS B 390 -2.80 -31.99 -3.18
C LYS B 390 -2.28 -31.37 -4.48
N THR B 391 -2.34 -30.04 -4.60
CA THR B 391 -1.86 -29.32 -5.79
C THR B 391 -0.66 -28.48 -5.38
N ASN B 392 -0.27 -27.53 -6.22
CA ASN B 392 0.89 -26.63 -6.01
C ASN B 392 0.50 -25.28 -6.60
N GLY B 393 1.19 -24.24 -6.17
CA GLY B 393 0.84 -22.87 -6.50
C GLY B 393 0.91 -22.66 -8.00
N LYS B 394 1.88 -23.28 -8.69
CA LYS B 394 2.09 -22.98 -10.12
C LYS B 394 0.87 -23.46 -10.90
N ALA B 395 0.45 -24.68 -10.59
CA ALA B 395 -0.72 -25.28 -11.27
C ALA B 395 -2.00 -24.54 -10.88
N PHE B 396 -2.12 -24.22 -9.60
CA PHE B 396 -3.34 -23.58 -9.08
C PHE B 396 -3.52 -22.18 -9.66
N ALA B 397 -2.44 -21.40 -9.72
CA ALA B 397 -2.50 -20.02 -10.23
C ALA B 397 -2.95 -20.02 -11.69
N LYS B 398 -2.42 -20.96 -12.48
N LYS B 398 -2.44 -20.96 -12.48
CA LYS B 398 -2.80 -21.10 -13.90
CA LYS B 398 -2.85 -21.04 -13.90
C LYS B 398 -4.31 -21.38 -14.00
C LYS B 398 -4.33 -21.36 -14.00
N ARG B 399 -4.82 -22.29 -13.20
CA ARG B 399 -6.25 -22.68 -13.28
C ARG B 399 -7.12 -21.49 -12.91
N VAL B 400 -6.75 -20.74 -11.86
CA VAL B 400 -7.59 -19.60 -11.42
C VAL B 400 -7.61 -18.54 -12.54
N GLY B 401 -6.48 -18.24 -13.15
CA GLY B 401 -6.47 -17.27 -14.22
C GLY B 401 -7.27 -17.71 -15.44
N ASP B 402 -7.15 -19.00 -15.76
CA ASP B 402 -7.84 -19.54 -16.95
C ASP B 402 -9.34 -19.41 -16.75
N VAL B 403 -9.82 -19.54 -15.52
CA VAL B 403 -11.26 -19.35 -15.25
C VAL B 403 -11.61 -17.85 -15.30
N VAL B 404 -10.90 -17.00 -14.56
CA VAL B 404 -11.34 -15.61 -14.32
C VAL B 404 -11.06 -14.75 -15.54
N PHE B 405 -9.91 -14.89 -16.18
CA PHE B 405 -9.48 -13.92 -17.22
C PHE B 405 -10.12 -14.18 -18.56
N THR B 406 -10.96 -15.21 -18.68
CA THR B 406 -11.70 -15.41 -19.97
C THR B 406 -13.19 -15.19 -19.71
N GLN B 407 -13.54 -14.54 -18.62
CA GLN B 407 -14.94 -14.16 -18.31
C GLN B 407 -15.07 -12.64 -18.26
N LYS B 408 -16.22 -12.13 -18.60
CA LYS B 408 -16.52 -10.69 -18.49
C LYS B 408 -16.16 -10.19 -17.10
N VAL B 409 -16.49 -10.88 -16.03
CA VAL B 409 -16.30 -10.32 -14.65
C VAL B 409 -14.81 -10.08 -14.42
N GLY B 410 -13.93 -10.76 -15.14
CA GLY B 410 -12.49 -10.59 -14.94
C GLY B 410 -11.89 -9.57 -15.89
N TYR B 411 -12.66 -8.92 -16.76
CA TYR B 411 -12.07 -8.10 -17.85
C TYR B 411 -11.22 -6.93 -17.32
N MET B 412 -11.72 -6.19 -16.34
CA MET B 412 -11.02 -4.96 -15.90
C MET B 412 -9.86 -5.27 -14.97
N ILE B 413 -9.74 -6.49 -14.51
CA ILE B 413 -8.77 -6.92 -13.47
C ILE B 413 -7.55 -7.52 -14.14
N HIS B 414 -6.36 -6.94 -13.87
CA HIS B 414 -5.11 -7.39 -14.45
C HIS B 414 -4.23 -8.19 -13.51
N ARG B 415 -4.46 -8.12 -12.21
N ARG B 415 -4.37 -8.06 -12.19
CA ARG B 415 -3.64 -8.88 -11.24
CA ARG B 415 -3.60 -8.91 -11.25
C ARG B 415 -4.54 -9.55 -10.21
C ARG B 415 -4.57 -9.54 -10.25
N LEU B 416 -4.51 -10.88 -10.16
CA LEU B 416 -5.17 -11.62 -9.07
C LEU B 416 -4.10 -12.02 -8.08
N ILE B 417 -4.33 -11.84 -6.81
CA ILE B 417 -3.37 -12.23 -5.77
C ILE B 417 -4.05 -13.29 -4.94
N LEU B 418 -3.50 -14.48 -4.91
CA LEU B 418 -4.04 -15.59 -4.10
C LEU B 418 -3.41 -15.54 -2.72
N VAL B 419 -4.19 -15.50 -1.67
CA VAL B 419 -3.69 -15.45 -0.28
C VAL B 419 -4.39 -16.49 0.58
N GLY B 420 -3.75 -16.96 1.63
CA GLY B 420 -4.31 -17.94 2.54
C GLY B 420 -5.28 -17.31 3.51
N ASP B 421 -5.89 -18.13 4.33
CA ASP B 421 -7.04 -17.66 5.14
C ASP B 421 -6.57 -17.07 6.46
N ASP B 422 -5.29 -16.75 6.62
CA ASP B 422 -4.80 -15.86 7.70
C ASP B 422 -4.69 -14.39 7.25
N ILE B 423 -5.04 -14.09 6.00
CA ILE B 423 -4.96 -12.74 5.41
C ILE B 423 -6.36 -12.15 5.26
N ASP B 424 -6.55 -10.95 5.78
CA ASP B 424 -7.83 -10.25 5.57
C ASP B 424 -7.79 -9.58 4.22
N VAL B 425 -8.49 -10.10 3.20
CA VAL B 425 -8.40 -9.56 1.84
C VAL B 425 -9.04 -8.16 1.78
N TYR B 426 -9.87 -7.79 2.76
CA TYR B 426 -10.49 -6.46 2.83
C TYR B 426 -9.52 -5.39 3.34
N ASP B 427 -8.34 -5.78 3.82
CA ASP B 427 -7.32 -4.91 4.47
C ASP B 427 -6.13 -4.82 3.53
N ASP B 428 -5.95 -3.69 2.85
CA ASP B 428 -4.84 -3.51 1.90
C ASP B 428 -3.51 -3.76 2.61
N LYS B 429 -3.34 -3.46 3.88
CA LYS B 429 -2.06 -3.71 4.56
C LYS B 429 -1.76 -5.21 4.59
N ASP B 430 -2.74 -6.06 4.90
CA ASP B 430 -2.52 -7.52 4.96
C ASP B 430 -2.27 -8.03 3.56
N VAL B 431 -3.00 -7.56 2.57
CA VAL B 431 -2.78 -8.03 1.18
C VAL B 431 -1.37 -7.67 0.75
N MET B 432 -0.93 -6.44 0.99
CA MET B 432 0.43 -6.06 0.56
C MET B 432 1.49 -6.87 1.32
N TRP B 433 1.27 -7.12 2.60
CA TRP B 433 2.23 -7.91 3.41
C TRP B 433 2.36 -9.29 2.79
N ALA B 434 1.23 -9.93 2.48
CA ALA B 434 1.25 -11.27 1.87
C ALA B 434 1.89 -11.23 0.50
N PHE B 435 1.55 -10.27 -0.34
CA PHE B 435 2.11 -10.17 -1.69
C PHE B 435 3.62 -9.99 -1.62
N ALA B 436 4.10 -9.12 -0.77
CA ALA B 436 5.53 -8.79 -0.70
C ALA B 436 6.38 -9.89 -0.09
N THR B 437 5.79 -10.74 0.74
CA THR B 437 6.59 -11.72 1.51
C THR B 437 6.29 -13.18 1.15
N ARG B 438 5.22 -13.47 0.41
CA ARG B 438 4.82 -14.87 0.11
C ARG B 438 4.85 -15.14 -1.38
N CYS B 439 4.94 -14.19 -2.28
CA CYS B 439 4.96 -14.39 -3.73
C CYS B 439 6.34 -14.09 -4.28
N ARG B 440 7.10 -15.12 -4.61
CA ARG B 440 8.44 -14.91 -5.19
C ARG B 440 8.24 -14.36 -6.60
N PRO B 441 8.72 -13.15 -6.91
CA PRO B 441 8.47 -12.53 -8.21
C PRO B 441 8.90 -13.45 -9.36
N GLY B 442 8.02 -13.54 -10.34
CA GLY B 442 8.24 -14.37 -11.55
C GLY B 442 8.01 -15.84 -11.25
N THR B 443 8.81 -16.42 -10.37
CA THR B 443 8.73 -17.84 -9.97
C THR B 443 7.29 -18.21 -9.62
N ASP B 444 6.64 -17.40 -8.79
CA ASP B 444 5.31 -17.70 -8.22
C ASP B 444 4.21 -16.94 -8.96
N GLU B 445 4.44 -16.59 -10.20
CA GLU B 445 3.46 -15.83 -10.99
C GLU B 445 3.19 -16.56 -12.29
N VAL B 446 1.96 -16.49 -12.74
CA VAL B 446 1.59 -17.03 -14.07
C VAL B 446 1.09 -15.85 -14.87
N PHE B 447 1.70 -15.61 -16.00
CA PHE B 447 1.40 -14.48 -16.88
C PHE B 447 0.43 -14.93 -17.96
N PHE B 448 -0.49 -14.06 -18.37
CA PHE B 448 -1.54 -14.36 -19.37
C PHE B 448 -1.43 -13.36 -20.49
N ASP B 449 -0.82 -13.75 -21.60
CA ASP B 449 -0.54 -12.90 -22.78
C ASP B 449 -1.68 -12.88 -23.78
N ASP B 450 -2.62 -13.81 -23.72
CA ASP B 450 -3.57 -14.02 -24.85
C ASP B 450 -5.01 -13.64 -24.49
N VAL B 451 -5.30 -13.32 -23.24
CA VAL B 451 -6.66 -13.00 -22.74
C VAL B 451 -6.99 -11.55 -23.06
N PRO B 452 -8.29 -11.19 -23.07
CA PRO B 452 -8.67 -9.80 -23.28
C PRO B 452 -8.07 -8.91 -22.18
N GLY B 453 -7.51 -7.80 -22.63
CA GLY B 453 -6.83 -6.80 -21.80
C GLY B 453 -7.60 -5.53 -21.76
N PHE B 454 -7.62 -4.88 -20.62
CA PHE B 454 -8.42 -3.64 -20.47
C PHE B 454 -7.67 -2.42 -20.95
N TRP B 455 -7.96 -1.96 -22.15
CA TRP B 455 -7.18 -0.96 -22.87
C TRP B 455 -7.12 0.38 -22.11
N LEU B 456 -8.09 0.66 -21.25
CA LEU B 456 -8.11 1.97 -20.56
C LEU B 456 -6.89 2.13 -19.65
N ILE B 457 -6.35 1.05 -19.11
CA ILE B 457 -5.19 1.15 -18.18
C ILE B 457 -4.02 1.73 -18.97
N PRO B 458 -3.30 2.76 -18.48
CA PRO B 458 -2.26 3.38 -19.28
C PRO B 458 -1.21 2.42 -19.84
N TYR B 459 -0.79 1.44 -19.02
CA TYR B 459 0.24 0.50 -19.51
C TYR B 459 -0.29 -0.41 -20.60
N MET B 460 -1.59 -0.34 -20.91
CA MET B 460 -2.18 -1.06 -22.07
C MET B 460 -2.25 -0.13 -23.28
N SER B 461 -3.12 0.85 -23.31
CA SER B 461 -3.34 1.80 -24.43
C SER B 461 -2.09 2.60 -24.75
N HIS B 462 -1.27 2.94 -23.75
CA HIS B 462 -0.08 3.79 -23.92
C HIS B 462 1.16 3.02 -23.49
N GLY B 463 1.14 1.74 -23.76
CA GLY B 463 2.24 0.87 -23.32
C GLY B 463 3.01 0.20 -24.45
N ASN B 464 3.70 -0.87 -24.09
CA ASN B 464 4.73 -1.54 -24.93
C ASN B 464 4.17 -2.75 -25.66
N ALA B 465 2.94 -3.14 -25.47
CA ALA B 465 2.38 -4.32 -26.17
C ALA B 465 0.93 -4.04 -26.56
N GLU B 466 0.23 -5.05 -27.00
CA GLU B 466 -1.13 -4.81 -27.61
C GLU B 466 -2.07 -4.18 -26.61
N ALA B 467 -2.78 -3.12 -27.03
CA ALA B 467 -3.67 -2.41 -26.10
C ALA B 467 -4.81 -3.29 -25.59
N ILE B 468 -5.26 -4.26 -26.38
CA ILE B 468 -6.49 -5.01 -26.02
C ILE B 468 -6.25 -6.45 -25.66
N LYS B 469 -4.99 -6.86 -25.49
CA LYS B 469 -4.66 -8.28 -25.28
C LYS B 469 -3.52 -8.40 -24.26
N GLY B 470 -3.71 -9.31 -23.33
CA GLY B 470 -2.66 -9.72 -22.40
C GLY B 470 -2.44 -8.69 -21.31
N GLY B 471 -1.28 -8.80 -20.70
CA GLY B 471 -0.90 -7.92 -19.59
C GLY B 471 -1.46 -8.32 -18.25
N LYS B 472 -1.82 -9.59 -18.08
CA LYS B 472 -2.44 -10.08 -16.85
C LYS B 472 -1.53 -11.07 -16.12
N VAL B 473 -1.80 -11.26 -14.84
CA VAL B 473 -0.99 -12.12 -13.96
C VAL B 473 -1.86 -12.67 -12.84
N VAL B 474 -1.59 -13.93 -12.46
CA VAL B 474 -2.00 -14.45 -11.14
C VAL B 474 -0.75 -14.63 -10.30
N SER B 475 -0.73 -13.98 -9.15
CA SER B 475 0.37 -14.03 -8.18
C SER B 475 0.01 -14.98 -7.07
N ASP B 476 0.76 -16.05 -6.92
CA ASP B 476 0.58 -17.03 -5.82
C ASP B 476 1.23 -16.55 -4.53
N ALA B 477 0.49 -15.91 -3.65
CA ALA B 477 1.00 -15.44 -2.35
C ALA B 477 0.55 -16.40 -1.25
N LEU B 478 0.45 -17.69 -1.58
CA LEU B 478 0.45 -18.73 -0.55
C LEU B 478 1.85 -19.30 -0.42
N LEU B 479 2.34 -19.47 0.78
CA LEU B 479 3.66 -20.09 0.96
C LEU B 479 3.59 -21.59 0.62
N THR B 480 4.69 -22.21 0.26
CA THR B 480 4.71 -23.58 -0.30
C THR B 480 4.02 -24.55 0.64
N ALA B 481 4.26 -24.50 1.94
CA ALA B 481 3.72 -25.50 2.89
C ALA B 481 2.19 -25.38 2.95
N GLU B 482 1.60 -24.24 2.60
CA GLU B 482 0.14 -24.08 2.66
C GLU B 482 -0.55 -25.09 1.73
N TYR B 483 0.11 -25.55 0.68
CA TYR B 483 -0.50 -26.50 -0.29
C TYR B 483 -0.39 -27.92 0.28
N THR B 484 0.50 -28.18 1.23
CA THR B 484 0.92 -29.56 1.57
C THR B 484 0.50 -29.85 2.99
N THR B 485 1.32 -29.42 3.96
CA THR B 485 1.16 -29.81 5.38
C THR B 485 0.60 -28.71 6.29
N GLY B 486 0.53 -27.47 5.84
CA GLY B 486 -0.13 -26.40 6.59
C GLY B 486 0.84 -25.30 7.02
N LYS B 487 0.22 -24.30 7.62
N LYS B 487 0.21 -24.17 7.36
CA LYS B 487 0.92 -23.06 8.01
CA LYS B 487 0.88 -23.02 8.04
C LYS B 487 1.85 -23.39 9.17
C LYS B 487 1.89 -23.53 9.05
N ASP B 488 3.12 -23.03 8.98
CA ASP B 488 4.22 -23.43 9.88
C ASP B 488 4.97 -22.22 10.45
N TRP B 489 4.40 -21.03 10.32
CA TRP B 489 5.01 -19.80 10.89
C TRP B 489 4.00 -19.23 11.87
N GLU B 490 4.42 -18.22 12.60
CA GLU B 490 3.60 -17.36 13.44
C GLU B 490 3.93 -15.90 13.07
N SER B 491 2.96 -15.04 12.96
CA SER B 491 3.24 -13.61 12.68
C SER B 491 4.05 -13.04 13.83
N ALA B 492 5.01 -12.19 13.51
CA ALA B 492 5.77 -11.39 14.49
C ALA B 492 5.01 -10.07 14.72
N ASP B 493 3.85 -10.18 15.34
CA ASP B 493 2.96 -9.05 15.65
C ASP B 493 2.40 -9.23 17.08
N PHE B 494 1.82 -8.14 17.58
CA PHE B 494 1.26 -8.13 18.94
C PHE B 494 0.24 -9.28 19.13
N LYS B 495 -0.63 -9.46 18.15
CA LYS B 495 -1.72 -10.46 18.21
C LYS B 495 -1.18 -11.90 18.31
N ASN B 496 -0.08 -12.22 17.64
CA ASN B 496 0.31 -13.64 17.43
C ASN B 496 1.60 -13.99 18.10
N SER B 497 2.42 -13.06 18.57
CA SER B 497 3.76 -13.40 19.12
C SER B 497 3.85 -13.26 20.62
N TYR B 498 2.71 -13.05 21.29
CA TYR B 498 2.67 -12.85 22.75
C TYR B 498 1.44 -13.55 23.29
N PRO B 499 1.55 -14.22 24.45
CA PRO B 499 0.38 -14.93 24.98
C PRO B 499 -0.69 -13.96 25.41
N LYS B 500 -1.92 -14.48 25.51
CA LYS B 500 -3.11 -13.71 25.93
C LYS B 500 -2.88 -13.07 27.31
N SER B 501 -2.26 -13.76 28.24
CA SER B 501 -2.02 -13.22 29.61
C SER B 501 -1.18 -11.93 29.48
N ILE B 502 -0.18 -11.92 28.60
CA ILE B 502 0.74 -10.75 28.44
C ILE B 502 -0.02 -9.67 27.68
N GLN B 503 -0.72 -9.98 26.60
N GLN B 503 -0.76 -10.02 26.64
CA GLN B 503 -1.50 -8.98 25.84
CA GLN B 503 -1.57 -9.11 25.79
C GLN B 503 -2.39 -8.27 26.87
C GLN B 503 -2.57 -8.33 26.64
N ASP B 504 -3.15 -9.05 27.64
CA ASP B 504 -4.13 -8.44 28.59
C ASP B 504 -3.38 -7.57 29.60
N LYS B 505 -2.30 -8.00 30.19
CA LYS B 505 -1.52 -7.19 31.15
C LYS B 505 -1.19 -5.85 30.44
N VAL B 506 -0.75 -5.87 29.18
CA VAL B 506 -0.36 -4.65 28.41
C VAL B 506 -1.59 -3.79 28.12
N LEU B 507 -2.66 -4.35 27.58
CA LEU B 507 -3.85 -3.57 27.18
C LEU B 507 -4.46 -2.94 28.47
N ASN B 508 -4.37 -3.61 29.62
CA ASN B 508 -4.97 -3.10 30.89
C ASN B 508 -4.13 -1.96 31.48
N SER B 509 -2.84 -1.89 31.17
CA SER B 509 -1.87 -0.89 31.70
C SER B 509 -1.70 0.28 30.71
N TRP B 510 -2.19 0.15 29.48
CA TRP B 510 -1.70 0.96 28.30
C TRP B 510 -1.87 2.44 28.54
N GLU B 511 -3.09 2.88 28.82
CA GLU B 511 -3.37 4.32 29.02
C GLU B 511 -2.80 4.80 30.36
N ARG B 512 -2.83 4.01 31.44
CA ARG B 512 -2.29 4.44 32.77
C ARG B 512 -0.79 4.71 32.61
N LEU B 513 -0.06 3.88 31.85
CA LEU B 513 1.40 4.10 31.64
C LEU B 513 1.67 5.35 30.80
N GLY B 514 0.74 5.85 29.99
CA GLY B 514 0.92 7.09 29.20
C GLY B 514 0.89 6.90 27.70
N PHE B 515 0.46 5.74 27.20
CA PHE B 515 0.29 5.51 25.75
C PHE B 515 -1.07 6.01 25.27
N LYS B 516 -1.18 6.18 23.98
CA LYS B 516 -2.41 6.75 23.36
C LYS B 516 -3.51 5.67 23.38
N LYS B 517 -4.76 6.03 23.72
CA LYS B 517 -5.91 5.09 23.57
C LYS B 517 -5.87 4.32 22.26
#